data_6VMC
#
_entry.id   6VMC
#
_cell.length_a   129.532
_cell.length_b   129.532
_cell.length_c   115.656
_cell.angle_alpha   90.000
_cell.angle_beta   90.000
_cell.angle_gamma   120.000
#
_symmetry.space_group_name_H-M   'P 64'
#
loop_
_entity.id
_entity.type
_entity.pdbx_description
1 polymer 'T4H2 T cell receptor alpha chain'
2 polymer 'T4H2 T cell receptor beta chain'
3 polymer 'MHC class I antigen, A-2 alpha chain'
4 polymer Beta-2-microglobulin
5 polymer 'Melanocyte protein PMEL'
6 non-polymer GLYCEROL
7 water water
#
loop_
_entity_poly.entity_id
_entity_poly.type
_entity_poly.pdbx_seq_one_letter_code
_entity_poly.pdbx_strand_id
1 'polypeptide(L)'
;MQKEVEQNSGPLSVPEGAIASLNCTYSDRGSQSFFWYRQYSGKSPELIMSIYSNGDKEDGRFTAQLNKASQYVSLLIRDS
QPSDSATYLCAVNALLGNQFYFGTGTSLTVIPNIQNPDPAVYQLRDSKSSDKSVCLFTDFDSQTNVSQSKDSDVYITDKC
VLDMRSMDFKSNSAVAWSNKSDFACANAFNNSIIPEDTFFPSPESS
;
D
2 'polypeptide(L)'
;MGITQSPKYLFRKEGQNVTLSCEQNLNHDAMYWYRQDPGQGLRLIYYSQIVNDFQKGDIAEGYSVSREKKESFPLTVTSA
QKNPTAFYLCASSMGGTYEQYFGPGTRLTVTEDLKNVFPPEVAVFEPSEAEISHTQKATLVCLATGFYPDHVELSWWVNG
KEVHSGVCTDPQPLKEQPALNDSRYALSSRLRVSATFWQDPRNHFRCQVQFYGLSENDEWTQDRAKPVTQIVSAEAWGRA
D
;
E
3 'polypeptide(L)'
;GSHSMRYFFTSVSRPGRGEPRFIAVGYVDDTQFVRFDSDAASQRMEPRAPWIEQEGPEYWDGETRKVKAHSQTHRVDLGT
LRGYYNQSEAGSHTVQRMYGCDVGSDWRFLRGYHQYAYDGKDYIALKEDLRSWTAADMAAQTTKHKWEAAHVAEQLRAYL
EGTCVEWLRRYLENGKETLQRTDAPKTHMTHHAVSDHEATLRCWALSFYPAEITLTWQRDGEDQTQDTELVETRPAGDGT
FQKWAAVVVPSGQEQRYTCHVQHEGLPKPLTLRWE
;
A
4 'polypeptide(L)'
;MIQRTPKIQVYSRHPAENGKSNFLNCYVSGFHPSDIEVDLLKNGERIEKVEHSDLSFSKDWSFYLLYYTEFTPTEKDEYA
CRVNHVTLSQPKIVKWDRDM
;
B
5 'polypeptide(L)' ILDQVPFSV C
#
loop_
_chem_comp.id
_chem_comp.type
_chem_comp.name
_chem_comp.formula
GOL non-polymer GLYCEROL 'C3 H8 O3'
#
# COMPACT_ATOMS: atom_id res chain seq x y z
N GLN A 2 -5.22 -1.01 -2.42
CA GLN A 2 -4.67 -0.48 -1.17
C GLN A 2 -5.34 -1.12 0.06
N LYS A 3 -4.69 -0.97 1.20
CA LYS A 3 -5.29 -1.23 2.50
C LYS A 3 -5.68 0.09 3.15
N GLU A 4 -6.37 -0.01 4.29
CA GLU A 4 -6.82 1.19 4.98
C GLU A 4 -5.65 1.93 5.61
N VAL A 5 -4.60 1.23 6.02
CA VAL A 5 -3.42 1.82 6.63
C VAL A 5 -2.19 1.31 5.88
N GLU A 6 -1.43 2.22 5.30
CA GLU A 6 -0.25 1.87 4.51
C GLU A 6 1.00 2.46 5.14
N GLN A 7 2.06 1.65 5.17
CA GLN A 7 3.36 2.09 5.63
C GLN A 7 4.42 1.20 4.99
N ASN A 8 5.58 1.80 4.72
CA ASN A 8 6.67 1.07 4.06
C ASN A 8 7.16 -0.04 4.96
N SER A 9 6.84 -1.28 4.61
CA SER A 9 7.23 -2.44 5.41
C SER A 9 8.69 -2.82 5.24
N GLY A 10 9.41 -2.19 4.32
CA GLY A 10 10.82 -2.47 4.13
C GLY A 10 11.64 -2.17 5.36
N PRO A 11 12.72 -2.93 5.57
CA PRO A 11 13.55 -2.73 6.76
C PRO A 11 14.26 -1.38 6.71
N LEU A 12 14.05 -0.58 7.75
CA LEU A 12 14.62 0.75 7.86
C LEU A 12 15.77 0.73 8.86
N SER A 13 16.94 1.21 8.44
CA SER A 13 18.12 1.27 9.29
C SER A 13 18.44 2.72 9.60
N VAL A 14 18.93 2.95 10.82
CA VAL A 14 19.29 4.29 11.29
C VAL A 14 20.52 4.20 12.18
N PRO A 15 21.49 5.09 12.04
CA PRO A 15 22.66 5.05 12.92
C PRO A 15 22.27 5.29 14.38
N GLU A 16 23.04 4.68 15.28
CA GLU A 16 22.79 4.82 16.71
C GLU A 16 23.01 6.26 17.15
N GLY A 17 22.06 6.80 17.90
CA GLY A 17 22.11 8.17 18.35
C GLY A 17 21.42 9.16 17.44
N ALA A 18 21.14 8.79 16.20
CA ALA A 18 20.48 9.68 15.25
C ALA A 18 18.97 9.61 15.46
N ILE A 19 18.22 10.29 14.59
CA ILE A 19 16.76 10.35 14.68
C ILE A 19 16.18 9.39 13.66
N ALA A 20 15.32 8.48 14.14
CA ALA A 20 14.64 7.51 13.29
C ALA A 20 13.24 8.02 12.98
N SER A 21 12.92 8.13 11.69
CA SER A 21 11.63 8.63 11.24
C SER A 21 10.84 7.51 10.60
N LEU A 22 9.69 7.19 11.18
CA LEU A 22 8.79 6.16 10.68
C LEU A 22 7.51 6.82 10.18
N ASN A 23 7.18 6.59 8.92
CA ASN A 23 6.03 7.21 8.29
C ASN A 23 4.88 6.23 8.15
N CYS A 24 3.67 6.77 8.05
CA CYS A 24 2.46 5.96 7.94
C CYS A 24 1.36 6.79 7.28
N THR A 25 0.66 6.20 6.32
CA THR A 25 -0.44 6.85 5.64
C THR A 25 -1.70 5.99 5.79
N TYR A 26 -2.86 6.66 5.77
CA TYR A 26 -4.12 5.98 5.98
C TYR A 26 -5.17 6.54 5.01
N SER A 27 -6.22 5.76 4.81
CA SER A 27 -7.39 6.18 4.04
C SER A 27 -8.47 6.64 5.00
N ASP A 28 -8.96 7.85 4.81
CA ASP A 28 -9.89 8.47 5.75
C ASP A 28 -11.21 7.71 5.76
N ARG A 29 -11.48 7.00 6.86
CA ARG A 29 -12.74 6.31 7.06
C ARG A 29 -13.40 6.85 8.32
N GLY A 30 -13.47 8.17 8.45
CA GLY A 30 -13.86 8.76 9.71
C GLY A 30 -12.78 8.66 10.76
N SER A 31 -11.52 8.75 10.35
CA SER A 31 -10.40 8.52 11.26
C SER A 31 -10.16 9.74 12.14
N GLN A 32 -10.12 9.50 13.45
CA GLN A 32 -9.80 10.56 14.41
C GLN A 32 -8.77 10.16 15.46
N SER A 33 -8.51 8.86 15.65
CA SER A 33 -7.55 8.39 16.63
C SER A 33 -6.44 7.62 15.92
N PHE A 34 -5.19 7.90 16.31
CA PHE A 34 -4.02 7.33 15.65
C PHE A 34 -3.04 6.86 16.71
N PHE A 35 -2.53 5.65 16.54
CA PHE A 35 -1.71 5.00 17.56
C PHE A 35 -0.47 4.37 16.92
N TRP A 36 0.56 4.19 17.74
CA TRP A 36 1.78 3.50 17.35
C TRP A 36 2.01 2.33 18.31
N TYR A 37 2.18 1.14 17.76
CA TYR A 37 2.49 -0.05 18.54
C TYR A 37 3.92 -0.50 18.26
N ARG A 38 4.60 -0.98 19.29
CA ARG A 38 5.94 -1.53 19.17
C ARG A 38 5.88 -3.02 19.46
N GLN A 39 6.48 -3.82 18.58
CA GLN A 39 6.45 -5.27 18.70
C GLN A 39 7.87 -5.81 18.48
N TYR A 40 8.41 -6.47 19.49
CA TYR A 40 9.71 -7.12 19.35
C TYR A 40 9.56 -8.47 18.66
N SER A 41 10.69 -9.07 18.32
CA SER A 41 10.71 -10.35 17.62
C SER A 41 10.18 -11.44 18.54
N GLY A 42 8.98 -11.94 18.24
CA GLY A 42 8.40 -13.04 18.98
C GLY A 42 7.49 -12.64 20.13
N LYS A 43 7.25 -11.36 20.34
CA LYS A 43 6.41 -10.89 21.43
C LYS A 43 5.19 -10.17 20.86
N SER A 44 4.38 -9.62 21.77
CA SER A 44 3.12 -8.97 21.45
C SER A 44 3.33 -7.47 21.17
N PRO A 45 2.44 -6.87 20.37
CA PRO A 45 2.54 -5.42 20.15
C PRO A 45 2.21 -4.66 21.43
N GLU A 46 3.05 -3.67 21.73
CA GLU A 46 2.90 -2.84 22.92
C GLU A 46 2.55 -1.42 22.49
N LEU A 47 1.43 -0.90 22.99
CA LEU A 47 1.03 0.46 22.68
C LEU A 47 2.00 1.45 23.32
N ILE A 48 2.67 2.25 22.48
CA ILE A 48 3.66 3.19 22.97
C ILE A 48 3.30 4.65 22.69
N MET A 49 2.34 4.92 21.82
CA MET A 49 2.04 6.30 21.45
C MET A 49 0.59 6.41 21.02
N SER A 50 0.01 7.59 21.26
CA SER A 50 -1.39 7.85 20.92
C SER A 50 -1.56 9.35 20.74
N ILE A 51 -1.98 9.77 19.55
CA ILE A 51 -2.20 11.18 19.24
C ILE A 51 -3.59 11.34 18.65
N TYR A 52 -4.22 12.48 18.96
CA TYR A 52 -5.59 12.73 18.54
C TYR A 52 -5.79 14.05 17.79
N SER A 53 -4.89 15.02 17.94
CA SER A 53 -5.01 16.30 17.28
C SER A 53 -3.78 16.57 16.43
N ASN A 54 -3.91 17.51 15.50
CA ASN A 54 -2.81 17.85 14.61
C ASN A 54 -1.68 18.53 15.37
N GLY A 55 -0.45 18.18 15.00
CA GLY A 55 0.74 18.74 15.62
C GLY A 55 1.65 17.64 16.11
N ASP A 56 2.52 17.99 17.04
CA ASP A 56 3.48 17.07 17.63
C ASP A 56 3.09 16.76 19.08
N LYS A 57 3.36 15.53 19.50
CA LYS A 57 3.10 15.09 20.86
C LYS A 57 4.35 14.38 21.37
N GLU A 58 5.04 14.99 22.33
CA GLU A 58 6.29 14.48 22.85
C GLU A 58 6.06 13.64 24.10
N ASP A 59 6.69 12.47 24.14
CA ASP A 59 6.65 11.60 25.31
C ASP A 59 7.92 10.78 25.33
N GLY A 60 8.79 11.04 26.29
CA GLY A 60 10.05 10.30 26.36
C GLY A 60 10.96 10.67 25.19
N ARG A 61 11.53 9.65 24.55
CA ARG A 61 12.47 9.87 23.46
C ARG A 61 11.81 9.86 22.08
N PHE A 62 10.52 9.55 21.99
CA PHE A 62 9.82 9.55 20.71
C PHE A 62 8.65 10.51 20.75
N THR A 63 8.43 11.21 19.63
CA THR A 63 7.35 12.16 19.48
C THR A 63 6.45 11.74 18.32
N ALA A 64 5.15 11.87 18.52
CA ALA A 64 4.16 11.54 17.49
C ALA A 64 3.74 12.81 16.75
N GLN A 65 3.76 12.74 15.42
CA GLN A 65 3.37 13.86 14.57
C GLN A 65 2.16 13.46 13.75
N LEU A 66 1.11 14.27 13.80
CA LEU A 66 -0.14 13.99 13.11
C LEU A 66 -0.49 15.15 12.18
N ASN A 67 -0.91 14.79 10.96
CA ASN A 67 -1.45 15.76 10.00
C ASN A 67 -2.65 15.10 9.34
N LYS A 68 -3.85 15.64 9.62
CA LYS A 68 -5.07 15.06 9.08
C LYS A 68 -5.37 15.53 7.66
N ALA A 69 -4.91 16.74 7.30
CA ALA A 69 -5.16 17.26 5.96
C ALA A 69 -4.59 16.34 4.90
N SER A 70 -3.27 16.17 4.89
CA SER A 70 -2.62 15.11 4.13
C SER A 70 -2.53 13.90 5.04
N GLN A 71 -3.31 12.87 4.74
CA GLN A 71 -3.48 11.74 5.65
C GLN A 71 -2.15 11.03 5.84
N TYR A 72 -1.49 11.32 6.96
CA TYR A 72 -0.26 10.65 7.33
C TYR A 72 0.06 10.99 8.78
N VAL A 73 0.59 10.02 9.51
CA VAL A 73 1.02 10.19 10.89
C VAL A 73 2.40 9.56 11.03
N SER A 74 3.34 10.30 11.61
CA SER A 74 4.72 9.88 11.71
C SER A 74 5.12 9.66 13.17
N LEU A 75 6.34 9.15 13.35
CA LEU A 75 6.89 8.90 14.67
C LEU A 75 8.41 9.08 14.60
N LEU A 76 8.91 10.08 15.31
CA LEU A 76 10.34 10.37 15.36
C LEU A 76 10.91 9.84 16.66
N ILE A 77 12.06 9.17 16.58
CA ILE A 77 12.71 8.59 17.75
C ILE A 77 14.09 9.23 17.89
N ARG A 78 14.30 9.93 19.00
CA ARG A 78 15.59 10.55 19.29
C ARG A 78 16.50 9.55 20.00
N ASP A 79 17.81 9.71 19.78
CA ASP A 79 18.83 8.89 20.43
C ASP A 79 18.55 7.40 20.25
N SER A 80 18.65 6.96 18.99
CA SER A 80 18.35 5.58 18.64
C SER A 80 19.21 4.60 19.41
N GLN A 81 18.59 3.81 20.28
CA GLN A 81 19.26 2.84 21.14
C GLN A 81 19.05 1.42 20.61
N PRO A 82 19.92 0.49 21.01
CA PRO A 82 19.72 -0.91 20.56
C PRO A 82 18.39 -1.50 20.95
N SER A 83 17.78 -1.02 22.05
CA SER A 83 16.48 -1.53 22.47
C SER A 83 15.35 -1.09 21.55
N ASP A 84 15.58 -0.11 20.67
CA ASP A 84 14.57 0.36 19.74
C ASP A 84 14.42 -0.53 18.50
N SER A 85 15.27 -1.54 18.35
CA SER A 85 15.23 -2.42 17.18
C SER A 85 14.01 -3.32 17.27
N ALA A 86 12.95 -2.95 16.55
CA ALA A 86 11.72 -3.72 16.53
C ALA A 86 10.87 -3.22 15.36
N THR A 87 9.78 -3.92 15.10
CA THR A 87 8.83 -3.50 14.08
C THR A 87 7.71 -2.69 14.74
N TYR A 88 7.39 -1.55 14.13
CA TYR A 88 6.43 -0.60 14.69
C TYR A 88 5.17 -0.61 13.82
N LEU A 89 4.04 -0.89 14.45
CA LEU A 89 2.76 -1.00 13.74
C LEU A 89 1.97 0.30 13.89
N CYS A 90 1.37 0.73 12.79
CA CYS A 90 0.58 1.95 12.74
C CYS A 90 -0.90 1.60 12.85
N ALA A 91 -1.59 2.21 13.81
CA ALA A 91 -2.99 1.94 14.06
C ALA A 91 -3.82 3.18 13.81
N VAL A 92 -4.92 3.03 13.07
CA VAL A 92 -5.82 4.13 12.74
C VAL A 92 -7.25 3.63 12.91
N ASN A 93 -8.04 4.35 13.69
CA ASN A 93 -9.43 3.97 13.90
C ASN A 93 -10.30 4.48 12.76
N ALA A 94 -11.53 3.99 12.71
CA ALA A 94 -12.47 4.32 11.64
C ALA A 94 -13.86 4.45 12.22
N LEU A 95 -14.37 5.68 12.32
CA LEU A 95 -15.75 5.88 12.73
C LEU A 95 -16.74 5.45 11.66
N LEU A 96 -16.30 5.37 10.41
CA LEU A 96 -17.11 4.77 9.34
C LEU A 96 -17.00 3.25 9.46
N GLY A 97 -18.05 2.61 9.96
CA GLY A 97 -18.06 1.18 10.15
C GLY A 97 -17.68 0.73 11.55
N ASN A 98 -17.21 1.63 12.40
CA ASN A 98 -16.84 1.32 13.78
C ASN A 98 -15.76 0.24 13.81
N GLN A 99 -14.64 0.53 13.15
CA GLN A 99 -13.56 -0.43 12.96
C GLN A 99 -12.25 0.12 13.51
N PHE A 100 -11.23 -0.74 13.49
CA PHE A 100 -9.90 -0.39 13.96
C PHE A 100 -8.90 -1.12 13.07
N TYR A 101 -8.09 -0.35 12.34
CA TYR A 101 -7.22 -0.90 11.32
C TYR A 101 -5.76 -0.81 11.73
N PHE A 102 -4.99 -1.82 11.31
CA PHE A 102 -3.56 -1.89 11.58
C PHE A 102 -2.79 -1.90 10.27
N GLY A 103 -1.58 -1.35 10.30
CA GLY A 103 -0.67 -1.45 9.18
C GLY A 103 0.13 -2.75 9.22
N THR A 104 0.88 -2.99 8.14
CA THR A 104 1.70 -4.19 8.08
C THR A 104 2.91 -4.12 8.99
N GLY A 105 3.30 -2.93 9.41
CA GLY A 105 4.44 -2.77 10.29
C GLY A 105 5.71 -2.43 9.52
N THR A 106 6.61 -1.72 10.21
CA THR A 106 7.89 -1.31 9.62
C THR A 106 9.00 -1.76 10.54
N SER A 107 9.82 -2.70 10.07
CA SER A 107 10.92 -3.20 10.88
C SER A 107 12.01 -2.15 11.00
N LEU A 108 12.41 -1.85 12.24
CA LEU A 108 13.46 -0.89 12.51
C LEU A 108 14.64 -1.62 13.13
N THR A 109 15.84 -1.38 12.60
CA THR A 109 17.06 -1.97 13.12
C THR A 109 18.12 -0.87 13.20
N VAL A 110 18.45 -0.44 14.42
CA VAL A 110 19.49 0.56 14.60
C VAL A 110 20.85 -0.10 14.41
N ILE A 111 21.79 0.67 13.87
CA ILE A 111 23.13 0.18 13.56
C ILE A 111 24.12 0.92 14.46
N PRO A 112 24.98 0.21 15.19
CA PRO A 112 25.92 0.88 16.08
C PRO A 112 27.07 1.54 15.31
N ASN A 113 27.43 2.74 15.74
CA ASN A 113 28.54 3.47 15.12
C ASN A 113 29.85 3.05 15.81
N ILE A 114 30.29 1.85 15.46
CA ILE A 114 31.51 1.29 16.04
C ILE A 114 32.72 1.88 15.32
N GLN A 115 33.72 2.29 16.09
CA GLN A 115 34.95 2.83 15.56
C GLN A 115 36.11 1.87 15.80
N ASN A 116 37.17 2.05 15.02
CA ASN A 116 38.34 1.19 15.03
C ASN A 116 37.95 -0.28 14.87
N PRO A 117 37.44 -0.67 13.70
CA PRO A 117 37.12 -2.09 13.48
C PRO A 117 38.37 -2.89 13.15
N ASP A 118 38.34 -4.16 13.55
CA ASP A 118 39.43 -5.10 13.30
C ASP A 118 38.86 -6.37 12.72
N PRO A 119 38.41 -6.32 11.45
CA PRO A 119 37.72 -7.49 10.87
C PRO A 119 38.65 -8.69 10.76
N ALA A 120 38.08 -9.87 10.96
CA ALA A 120 38.81 -11.13 10.87
C ALA A 120 37.81 -12.27 10.90
N VAL A 121 38.26 -13.44 10.46
CA VAL A 121 37.45 -14.65 10.44
C VAL A 121 38.21 -15.72 11.20
N TYR A 122 37.74 -16.04 12.41
CA TYR A 122 38.38 -17.03 13.26
C TYR A 122 37.66 -18.36 13.19
N GLN A 123 38.39 -19.42 13.52
CA GLN A 123 37.86 -20.77 13.55
C GLN A 123 37.76 -21.25 15.00
N LEU A 124 36.61 -21.78 15.37
CA LEU A 124 36.35 -22.23 16.73
C LEU A 124 35.96 -23.70 16.70
N ARG A 125 36.67 -24.52 17.47
CA ARG A 125 36.39 -25.94 17.56
C ARG A 125 35.50 -26.24 18.76
N ASP A 126 34.90 -27.43 18.75
CA ASP A 126 33.97 -27.81 19.79
C ASP A 126 34.69 -28.01 21.12
N SER A 127 34.02 -27.61 22.21
CA SER A 127 34.62 -27.74 23.53
C SER A 127 34.70 -29.19 23.98
N LYS A 128 33.73 -30.01 23.58
CA LYS A 128 33.69 -31.41 23.98
C LYS A 128 33.88 -32.38 22.82
N SER A 129 33.28 -32.10 21.66
CA SER A 129 33.44 -32.99 20.52
C SER A 129 34.85 -32.89 19.93
N SER A 130 35.39 -31.68 19.85
CA SER A 130 36.74 -31.38 19.36
C SER A 130 36.96 -31.79 17.91
N ASP A 131 35.90 -32.13 17.17
CA ASP A 131 36.01 -32.41 15.75
C ASP A 131 35.09 -31.57 14.88
N LYS A 132 34.06 -30.95 15.46
CA LYS A 132 33.23 -29.99 14.75
C LYS A 132 33.85 -28.61 14.85
N SER A 133 33.74 -27.84 13.78
CA SER A 133 34.37 -26.52 13.70
C SER A 133 33.39 -25.50 13.14
N VAL A 134 33.48 -24.27 13.64
CA VAL A 134 32.67 -23.16 13.17
C VAL A 134 33.60 -21.99 12.87
N CYS A 135 33.12 -21.09 12.01
CA CYS A 135 33.86 -19.89 11.62
C CYS A 135 33.12 -18.66 12.12
N LEU A 136 33.88 -17.63 12.49
CA LEU A 136 33.34 -16.43 13.11
C LEU A 136 33.87 -15.19 12.39
N PHE A 137 33.02 -14.55 11.61
CA PHE A 137 33.31 -13.25 11.02
C PHE A 137 32.85 -12.18 12.01
N THR A 138 33.81 -11.52 12.66
CA THR A 138 33.50 -10.58 13.72
C THR A 138 34.35 -9.33 13.58
N ASP A 139 33.98 -8.29 14.34
CA ASP A 139 34.72 -7.04 14.42
C ASP A 139 34.81 -6.32 13.08
N PHE A 140 33.78 -6.47 12.24
CA PHE A 140 33.70 -5.75 10.98
C PHE A 140 32.82 -4.52 11.14
N ASP A 141 33.02 -3.55 10.25
CA ASP A 141 32.34 -2.27 10.36
C ASP A 141 30.86 -2.41 10.01
N SER A 142 30.15 -1.28 10.05
CA SER A 142 28.71 -1.28 9.83
C SER A 142 28.35 -1.45 8.36
N GLN A 143 29.24 -1.02 7.44
CA GLN A 143 28.93 -1.09 6.02
C GLN A 143 28.91 -2.52 5.48
N THR A 144 29.53 -3.46 6.19
CA THR A 144 29.60 -4.83 5.72
C THR A 144 28.29 -5.56 5.95
N ASN A 145 27.84 -6.30 4.94
CA ASN A 145 26.64 -7.12 5.02
C ASN A 145 26.98 -8.55 4.64
N VAL A 146 26.20 -9.49 5.18
CA VAL A 146 26.39 -10.91 4.93
C VAL A 146 25.20 -11.43 4.12
N SER A 147 25.43 -12.55 3.44
CA SER A 147 24.42 -13.15 2.59
C SER A 147 24.33 -14.65 2.87
N GLN A 148 23.17 -15.22 2.54
CA GLN A 148 22.95 -16.64 2.73
C GLN A 148 23.80 -17.45 1.74
N SER A 149 24.18 -18.65 2.15
CA SER A 149 24.99 -19.52 1.31
C SER A 149 24.14 -20.15 0.22
N LYS A 150 24.72 -20.29 -0.97
CA LYS A 150 24.06 -20.95 -2.09
C LYS A 150 24.20 -22.46 -2.06
N ASP A 151 24.65 -23.03 -0.95
CA ASP A 151 24.81 -24.47 -0.80
C ASP A 151 24.02 -24.93 0.42
N SER A 152 23.25 -26.01 0.26
CA SER A 152 22.42 -26.52 1.34
C SER A 152 23.22 -27.10 2.50
N ASP A 153 24.52 -27.29 2.33
CA ASP A 153 25.35 -27.86 3.38
C ASP A 153 26.02 -26.80 4.25
N VAL A 154 26.15 -25.57 3.76
CA VAL A 154 26.78 -24.48 4.50
C VAL A 154 25.70 -23.55 5.03
N TYR A 155 25.76 -23.25 6.33
CA TYR A 155 24.77 -22.41 7.00
C TYR A 155 25.40 -21.08 7.38
N ILE A 156 24.74 -19.99 7.02
CA ILE A 156 25.20 -18.64 7.32
C ILE A 156 24.13 -17.93 8.15
N THR A 157 24.58 -17.13 9.12
CA THR A 157 23.70 -16.31 9.93
C THR A 157 23.93 -14.84 9.62
N ASP A 158 22.93 -14.03 9.95
CA ASP A 158 23.00 -12.59 9.73
C ASP A 158 23.93 -11.94 10.76
N LYS A 159 24.05 -10.62 10.66
CA LYS A 159 24.88 -9.88 11.61
C LYS A 159 24.26 -9.91 13.00
N CYS A 160 25.10 -9.64 14.00
CA CYS A 160 24.65 -9.64 15.38
C CYS A 160 25.49 -8.63 16.17
N VAL A 161 24.82 -7.70 16.83
CA VAL A 161 25.48 -6.65 17.59
C VAL A 161 25.48 -7.05 19.06
N LEU A 162 26.65 -7.41 19.58
CA LEU A 162 26.82 -7.69 21.00
C LEU A 162 27.40 -6.48 21.70
N ASP A 163 26.92 -6.21 22.91
CA ASP A 163 27.32 -5.03 23.66
C ASP A 163 28.03 -5.47 24.93
N MET A 164 29.32 -5.20 25.00
CA MET A 164 30.10 -5.42 26.22
C MET A 164 29.99 -4.17 27.09
N ARG A 165 29.35 -4.31 28.26
CA ARG A 165 29.33 -3.23 29.22
C ARG A 165 30.49 -3.29 30.21
N SER A 166 31.24 -4.39 30.23
CA SER A 166 32.53 -4.40 30.90
C SER A 166 33.47 -3.42 30.21
N MET A 167 33.52 -3.46 28.88
CA MET A 167 34.16 -2.45 28.07
C MET A 167 33.13 -1.39 27.70
N ASP A 168 33.46 -0.53 26.75
CA ASP A 168 32.51 0.47 26.24
C ASP A 168 32.51 0.43 24.71
N PHE A 169 32.41 -0.77 24.15
CA PHE A 169 32.42 -0.94 22.70
C PHE A 169 31.46 -2.05 22.31
N LYS A 170 30.99 -1.99 21.06
CA LYS A 170 30.18 -3.03 20.46
C LYS A 170 30.92 -3.62 19.28
N SER A 171 30.48 -4.79 18.83
CA SER A 171 31.15 -5.48 17.73
C SER A 171 30.14 -6.35 17.00
N ASN A 172 30.01 -6.12 15.69
CA ASN A 172 29.21 -7.00 14.86
C ASN A 172 29.91 -8.34 14.69
N SER A 173 29.11 -9.38 14.45
CA SER A 173 29.65 -10.73 14.34
C SER A 173 28.65 -11.64 13.66
N ALA A 174 29.16 -12.60 12.91
CA ALA A 174 28.36 -13.59 12.22
C ALA A 174 29.09 -14.92 12.25
N VAL A 175 28.33 -16.01 12.26
CA VAL A 175 28.88 -17.36 12.39
C VAL A 175 28.50 -18.16 11.16
N ALA A 176 29.38 -19.11 10.80
CA ALA A 176 29.17 -19.99 9.67
C ALA A 176 29.76 -21.36 9.98
N TRP A 177 29.06 -22.41 9.54
CA TRP A 177 29.51 -23.76 9.80
C TRP A 177 28.90 -24.69 8.76
N SER A 178 29.45 -25.90 8.67
CA SER A 178 28.96 -26.92 7.76
C SER A 178 29.41 -28.28 8.25
N ASN A 179 28.99 -29.33 7.53
CA ASN A 179 29.35 -30.71 7.86
C ASN A 179 30.09 -31.38 6.70
N LYS A 180 30.72 -30.59 5.83
CA LYS A 180 31.42 -31.15 4.67
C LYS A 180 32.68 -31.93 5.05
N SER A 181 33.19 -31.73 6.26
CA SER A 181 34.43 -32.33 6.78
C SER A 181 35.67 -31.81 6.07
N ASP A 182 35.54 -30.93 5.09
CA ASP A 182 36.66 -30.21 4.49
C ASP A 182 36.37 -28.71 4.46
N PHE A 183 35.57 -28.25 5.42
CA PHE A 183 35.15 -26.86 5.46
C PHE A 183 36.33 -25.94 5.77
N ALA A 184 36.35 -24.78 5.13
CA ALA A 184 37.41 -23.80 5.32
C ALA A 184 36.79 -22.45 5.65
N CYS A 185 37.33 -21.78 6.66
CA CYS A 185 36.82 -20.47 7.04
C CYS A 185 37.15 -19.39 6.02
N ALA A 186 38.07 -19.66 5.09
CA ALA A 186 38.33 -18.72 4.00
C ALA A 186 37.37 -18.91 2.83
N ASN A 187 36.61 -20.00 2.80
CA ASN A 187 35.65 -20.27 1.74
C ASN A 187 34.21 -20.04 2.18
N ALA A 188 33.97 -19.68 3.44
CA ALA A 188 32.62 -19.51 3.95
C ALA A 188 32.00 -18.21 3.45
N PHE A 189 32.63 -17.07 3.78
CA PHE A 189 32.07 -15.76 3.51
C PHE A 189 32.50 -15.20 2.16
N ASN A 190 32.86 -16.06 1.20
CA ASN A 190 33.21 -15.57 -0.12
C ASN A 190 32.00 -15.02 -0.85
N ASN A 191 30.79 -15.51 -0.52
CA ASN A 191 29.58 -14.97 -1.13
C ASN A 191 29.35 -13.53 -0.73
N SER A 192 29.59 -13.20 0.54
CA SER A 192 29.43 -11.85 1.02
C SER A 192 30.64 -10.99 0.65
N ILE A 193 30.48 -9.67 0.77
CA ILE A 193 31.53 -8.73 0.40
C ILE A 193 32.49 -8.60 1.58
N ILE A 194 33.60 -9.30 1.51
CA ILE A 194 34.65 -9.18 2.53
C ILE A 194 35.39 -7.86 2.31
N PRO A 195 35.49 -7.00 3.32
CA PRO A 195 35.99 -5.63 3.08
C PRO A 195 37.50 -5.50 3.08
N GLU A 196 38.21 -6.45 2.45
CA GLU A 196 39.62 -6.31 2.12
C GLU A 196 40.50 -5.97 3.33
N ASP A 197 39.97 -6.14 4.55
CA ASP A 197 40.72 -5.82 5.75
C ASP A 197 40.66 -6.93 6.79
N THR A 198 40.17 -8.11 6.42
CA THR A 198 40.05 -9.21 7.35
C THR A 198 41.40 -9.91 7.54
N PHE A 199 41.52 -10.62 8.65
CA PHE A 199 42.73 -11.36 9.01
C PHE A 199 42.36 -12.84 9.11
N PHE A 200 42.85 -13.64 8.18
CA PHE A 200 42.59 -15.07 8.18
C PHE A 200 43.77 -15.79 8.82
N PRO A 201 43.60 -16.39 10.01
CA PRO A 201 44.72 -17.10 10.63
C PRO A 201 45.09 -18.38 9.88
N SER A 202 46.15 -19.04 10.33
CA SER A 202 46.61 -20.27 9.70
C SER A 202 45.61 -21.40 9.92
N GLY B 2 -4.48 -6.83 31.75
CA GLY B 2 -5.25 -7.94 32.27
C GLY B 2 -5.80 -8.85 31.19
N ILE B 3 -4.95 -9.19 30.22
CA ILE B 3 -5.31 -10.08 29.11
C ILE B 3 -4.28 -11.19 29.05
N THR B 4 -4.74 -12.43 29.10
CA THR B 4 -3.86 -13.59 29.11
C THR B 4 -4.34 -14.63 28.09
N GLN B 5 -3.38 -15.34 27.51
CA GLN B 5 -3.64 -16.41 26.56
C GLN B 5 -2.92 -17.67 27.01
N SER B 6 -3.54 -18.81 26.75
CA SER B 6 -2.96 -20.11 27.10
C SER B 6 -3.25 -21.10 25.97
N PRO B 7 -2.26 -21.92 25.59
CA PRO B 7 -0.89 -21.90 26.14
C PRO B 7 0.01 -20.91 25.41
N LYS B 8 1.21 -20.68 25.94
CA LYS B 8 2.17 -19.85 25.23
C LYS B 8 2.69 -20.54 23.99
N TYR B 9 2.97 -21.84 24.08
CA TYR B 9 3.36 -22.67 22.95
C TYR B 9 2.42 -23.86 22.89
N LEU B 10 1.95 -24.18 21.69
CA LEU B 10 1.04 -25.31 21.49
C LEU B 10 1.46 -26.07 20.25
N PHE B 11 1.34 -27.40 20.32
CA PHE B 11 1.75 -28.28 19.24
C PHE B 11 0.74 -29.41 19.13
N ARG B 12 0.08 -29.52 17.96
CA ARG B 12 -0.94 -30.52 17.74
C ARG B 12 -0.71 -31.22 16.42
N LYS B 13 -1.38 -32.36 16.26
CA LYS B 13 -1.31 -33.14 15.02
C LYS B 13 -2.44 -32.74 14.10
N GLU B 14 -2.15 -32.71 12.80
CA GLU B 14 -3.14 -32.32 11.80
C GLU B 14 -4.30 -33.31 11.77
N GLY B 15 -5.52 -32.79 11.74
CA GLY B 15 -6.72 -33.61 11.63
C GLY B 15 -7.74 -33.41 12.73
N GLN B 16 -7.46 -32.59 13.75
CA GLN B 16 -8.39 -32.36 14.83
C GLN B 16 -8.46 -30.88 15.14
N ASN B 17 -9.41 -30.52 15.99
CA ASN B 17 -9.64 -29.12 16.36
C ASN B 17 -8.73 -28.72 17.50
N VAL B 18 -8.33 -27.44 17.50
CA VAL B 18 -7.46 -26.87 18.52
C VAL B 18 -8.17 -25.65 19.10
N THR B 19 -8.21 -25.58 20.43
CA THR B 19 -8.90 -24.51 21.14
C THR B 19 -7.87 -23.58 21.78
N LEU B 20 -7.85 -22.33 21.32
CA LEU B 20 -6.98 -21.30 21.89
C LEU B 20 -7.80 -20.41 22.80
N SER B 21 -7.32 -20.21 24.03
CA SER B 21 -8.05 -19.49 25.05
C SER B 21 -7.58 -18.04 25.14
N CYS B 22 -8.48 -17.17 25.56
CA CYS B 22 -8.16 -15.76 25.76
C CYS B 22 -9.12 -15.20 26.83
N GLU B 23 -8.58 -14.92 28.01
CA GLU B 23 -9.34 -14.32 29.10
C GLU B 23 -8.96 -12.85 29.22
N GLN B 24 -9.96 -12.01 29.43
CA GLN B 24 -9.77 -10.56 29.51
C GLN B 24 -10.38 -10.04 30.79
N ASN B 25 -9.65 -9.14 31.47
CA ASN B 25 -10.04 -8.64 32.78
C ASN B 25 -10.33 -7.14 32.82
N LEU B 26 -10.15 -6.44 31.70
CA LEU B 26 -10.33 -4.98 31.68
C LEU B 26 -11.77 -4.56 31.49
N ASN B 27 -12.73 -5.48 31.62
CA ASN B 27 -14.16 -5.18 31.46
C ASN B 27 -14.46 -4.60 30.08
N HIS B 28 -13.70 -5.03 29.07
CA HIS B 28 -13.92 -4.56 27.70
C HIS B 28 -15.04 -5.36 27.04
N ASP B 29 -15.82 -4.68 26.20
CA ASP B 29 -16.89 -5.33 25.46
C ASP B 29 -16.41 -5.93 24.14
N ALA B 30 -15.38 -5.34 23.53
CA ALA B 30 -14.87 -5.80 22.25
C ALA B 30 -13.61 -6.64 22.45
N MET B 31 -13.55 -7.75 21.73
CA MET B 31 -12.38 -8.63 21.75
C MET B 31 -12.10 -9.10 20.33
N TYR B 32 -10.81 -9.25 20.01
CA TYR B 32 -10.37 -9.51 18.66
C TYR B 32 -9.40 -10.69 18.64
N TRP B 33 -9.37 -11.40 17.51
CA TRP B 33 -8.43 -12.48 17.27
C TRP B 33 -7.66 -12.21 15.98
N TYR B 34 -6.34 -12.17 16.09
CA TYR B 34 -5.47 -11.99 14.94
C TYR B 34 -4.50 -13.16 14.82
N ARG B 35 -4.00 -13.36 13.60
CA ARG B 35 -2.88 -14.28 13.36
C ARG B 35 -1.80 -13.53 12.61
N GLN B 36 -0.55 -13.80 12.96
CA GLN B 36 0.59 -13.09 12.40
C GLN B 36 1.59 -14.11 11.86
N ASP B 37 1.72 -14.15 10.54
CA ASP B 37 2.72 -15.01 9.91
C ASP B 37 4.11 -14.36 10.03
N PRO B 38 5.17 -15.16 10.07
CA PRO B 38 6.51 -14.60 10.28
C PRO B 38 6.89 -13.63 9.18
N GLY B 39 7.36 -12.45 9.59
CA GLY B 39 7.76 -11.40 8.66
C GLY B 39 6.62 -10.60 8.07
N GLN B 40 5.38 -10.85 8.49
CA GLN B 40 4.21 -10.17 7.94
C GLN B 40 3.50 -9.40 9.06
N GLY B 41 2.33 -8.84 8.71
CA GLY B 41 1.55 -8.07 9.65
C GLY B 41 0.41 -8.87 10.26
N LEU B 42 -0.51 -8.15 10.90
CA LEU B 42 -1.65 -8.75 11.55
C LEU B 42 -2.81 -8.91 10.57
N ARG B 43 -3.56 -10.00 10.72
CA ARG B 43 -4.74 -10.26 9.92
C ARG B 43 -5.88 -10.67 10.84
N LEU B 44 -7.05 -10.06 10.62
CA LEU B 44 -8.18 -10.26 11.52
C LEU B 44 -8.88 -11.58 11.21
N ILE B 45 -9.14 -12.37 12.25
CA ILE B 45 -9.82 -13.66 12.10
C ILE B 45 -11.28 -13.50 12.51
N TYR B 46 -11.50 -13.05 13.75
CA TYR B 46 -12.85 -12.88 14.27
C TYR B 46 -12.81 -11.75 15.29
N TYR B 47 -13.98 -11.15 15.54
CA TYR B 47 -14.11 -10.14 16.57
C TYR B 47 -15.54 -10.13 17.08
N SER B 48 -15.71 -9.57 18.27
CA SER B 48 -17.00 -9.55 18.94
C SER B 48 -17.23 -8.18 19.54
N GLN B 49 -18.43 -7.63 19.34
CA GLN B 49 -18.77 -6.33 19.89
C GLN B 49 -19.47 -6.44 21.24
N ILE B 50 -20.38 -7.38 21.39
CA ILE B 50 -21.18 -7.54 22.59
C ILE B 50 -21.05 -9.00 23.07
N VAL B 51 -21.74 -9.31 24.17
CA VAL B 51 -21.52 -10.56 24.88
C VAL B 51 -22.03 -11.79 24.12
N ASN B 52 -22.97 -11.62 23.19
CA ASN B 52 -23.52 -12.76 22.47
C ASN B 52 -23.45 -12.56 20.95
N ASP B 53 -22.48 -11.79 20.48
CA ASP B 53 -22.33 -11.52 19.06
C ASP B 53 -20.87 -11.72 18.65
N PHE B 54 -20.68 -12.11 17.39
CA PHE B 54 -19.36 -12.22 16.81
C PHE B 54 -19.49 -12.09 15.29
N GLN B 55 -18.49 -11.47 14.68
CA GLN B 55 -18.49 -11.22 13.25
C GLN B 55 -17.19 -11.72 12.62
N LYS B 56 -17.31 -12.26 11.42
CA LYS B 56 -16.14 -12.79 10.72
C LYS B 56 -15.17 -11.67 10.33
N GLY B 57 -13.88 -11.99 10.39
CA GLY B 57 -12.84 -11.08 9.98
C GLY B 57 -12.48 -11.23 8.51
N ASP B 58 -11.25 -10.86 8.18
CA ASP B 58 -10.80 -10.98 6.79
C ASP B 58 -10.52 -12.43 6.41
N ILE B 59 -10.03 -13.23 7.34
CA ILE B 59 -9.77 -14.65 7.11
C ILE B 59 -10.46 -15.42 8.24
N ALA B 60 -11.71 -15.83 8.00
CA ALA B 60 -12.47 -16.61 8.96
C ALA B 60 -12.65 -18.06 8.52
N GLU B 61 -12.03 -18.45 7.41
CA GLU B 61 -12.17 -19.81 6.88
C GLU B 61 -11.49 -20.80 7.82
N GLY B 62 -12.26 -21.78 8.29
CA GLY B 62 -11.72 -22.79 9.17
C GLY B 62 -11.59 -22.38 10.62
N TYR B 63 -12.07 -21.20 10.99
CA TYR B 63 -12.01 -20.71 12.36
C TYR B 63 -13.40 -20.58 12.93
N SER B 64 -13.62 -21.20 14.09
CA SER B 64 -14.86 -21.07 14.84
C SER B 64 -14.61 -20.23 16.09
N VAL B 65 -15.61 -19.46 16.48
CA VAL B 65 -15.48 -18.54 17.61
C VAL B 65 -16.82 -18.47 18.33
N SER B 66 -16.78 -18.59 19.66
CA SER B 66 -17.96 -18.42 20.49
C SER B 66 -17.70 -17.32 21.50
N ARG B 67 -18.79 -16.68 21.94
CA ARG B 67 -18.73 -15.63 22.97
C ARG B 67 -19.92 -15.88 23.89
N GLU B 68 -19.68 -16.62 24.97
CA GLU B 68 -20.73 -16.92 25.93
C GLU B 68 -20.76 -15.93 27.09
N LYS B 69 -19.61 -15.40 27.49
CA LYS B 69 -19.53 -14.43 28.56
C LYS B 69 -18.58 -13.30 28.15
N LYS B 70 -18.66 -12.19 28.89
CA LYS B 70 -17.96 -10.97 28.51
C LYS B 70 -16.45 -11.08 28.61
N GLU B 71 -15.94 -12.01 29.43
CA GLU B 71 -14.51 -12.09 29.70
C GLU B 71 -13.77 -13.13 28.89
N SER B 72 -14.47 -14.12 28.33
CA SER B 72 -13.85 -15.22 27.61
C SER B 72 -14.16 -15.12 26.13
N PHE B 73 -13.15 -15.38 25.29
CA PHE B 73 -13.28 -15.34 23.84
C PHE B 73 -12.51 -16.50 23.23
N PRO B 74 -13.05 -17.71 23.34
CA PRO B 74 -12.31 -18.90 22.87
C PRO B 74 -12.30 -19.00 21.35
N LEU B 75 -11.11 -19.17 20.78
CA LEU B 75 -10.94 -19.40 19.34
C LEU B 75 -10.62 -20.87 19.12
N THR B 76 -11.44 -21.54 18.32
CA THR B 76 -11.24 -22.94 17.98
C THR B 76 -10.96 -23.05 16.49
N VAL B 77 -9.70 -23.33 16.14
CA VAL B 77 -9.31 -23.52 14.75
C VAL B 77 -9.61 -24.95 14.34
N THR B 78 -10.32 -25.11 13.22
CA THR B 78 -10.76 -26.41 12.75
C THR B 78 -9.79 -26.98 11.72
N SER B 79 -9.99 -28.25 11.40
CA SER B 79 -9.17 -28.92 10.40
C SER B 79 -9.43 -28.42 8.98
N ALA B 80 -10.49 -27.63 8.78
CA ALA B 80 -10.74 -27.01 7.49
C ALA B 80 -9.75 -25.89 7.18
N GLN B 81 -9.03 -25.40 8.18
CA GLN B 81 -8.03 -24.36 7.94
C GLN B 81 -6.84 -24.97 7.19
N LYS B 82 -6.38 -24.28 6.16
CA LYS B 82 -5.35 -24.83 5.28
C LYS B 82 -3.95 -24.61 5.84
N ASN B 83 -3.71 -23.52 6.55
CA ASN B 83 -2.41 -23.20 7.13
C ASN B 83 -2.61 -22.74 8.57
N PRO B 84 -2.84 -23.68 9.50
CA PRO B 84 -3.09 -23.28 10.88
C PRO B 84 -1.85 -22.75 11.60
N THR B 85 -0.65 -23.07 11.13
CA THR B 85 0.57 -22.66 11.81
C THR B 85 0.76 -21.16 11.68
N ALA B 86 0.64 -20.44 12.79
CA ALA B 86 0.78 -19.00 12.82
C ALA B 86 0.92 -18.54 14.27
N PHE B 87 1.20 -17.25 14.44
CA PHE B 87 1.28 -16.61 15.75
C PHE B 87 -0.07 -15.95 16.03
N TYR B 88 -0.85 -16.55 16.92
CA TYR B 88 -2.21 -16.08 17.20
C TYR B 88 -2.17 -15.07 18.34
N LEU B 89 -2.68 -13.86 18.08
CA LEU B 89 -2.71 -12.79 19.05
C LEU B 89 -4.16 -12.42 19.37
N CYS B 90 -4.45 -12.25 20.66
CA CYS B 90 -5.76 -11.86 21.12
C CYS B 90 -5.70 -10.45 21.69
N ALA B 91 -6.73 -9.66 21.43
CA ALA B 91 -6.78 -8.28 21.89
C ALA B 91 -8.18 -7.93 22.35
N SER B 92 -8.28 -6.84 23.11
CA SER B 92 -9.57 -6.33 23.56
C SER B 92 -9.51 -4.81 23.61
N SER B 93 -10.67 -4.18 23.54
CA SER B 93 -10.76 -2.73 23.53
C SER B 93 -12.09 -2.29 24.12
N MET B 94 -12.14 -1.03 24.53
CA MET B 94 -13.36 -0.46 25.09
C MET B 94 -14.48 -0.46 24.06
N GLY B 95 -14.17 -0.12 22.81
CA GLY B 95 -15.15 -0.09 21.75
C GLY B 95 -14.50 -0.47 20.43
N GLY B 96 -15.31 -0.45 19.37
CA GLY B 96 -14.82 -0.80 18.05
C GLY B 96 -13.82 0.20 17.48
N THR B 97 -13.82 1.44 17.98
CA THR B 97 -12.95 2.49 17.48
C THR B 97 -11.84 2.86 18.46
N TYR B 98 -11.72 2.17 19.58
CA TYR B 98 -10.73 2.49 20.58
C TYR B 98 -9.50 1.60 20.44
N GLU B 99 -8.41 2.01 21.06
CA GLU B 99 -7.16 1.28 20.98
C GLU B 99 -7.29 -0.10 21.63
N GLN B 100 -6.61 -1.07 21.04
CA GLN B 100 -6.67 -2.46 21.50
C GLN B 100 -5.38 -2.81 22.24
N TYR B 101 -5.52 -3.65 23.27
CA TYR B 101 -4.39 -4.14 24.04
C TYR B 101 -4.25 -5.63 23.80
N PHE B 102 -3.05 -6.07 23.44
CA PHE B 102 -2.82 -7.45 23.04
C PHE B 102 -2.38 -8.31 24.22
N GLY B 103 -2.80 -9.57 24.18
CA GLY B 103 -2.32 -10.55 25.13
C GLY B 103 -0.93 -11.02 24.78
N PRO B 104 -0.42 -11.95 25.59
CA PRO B 104 0.96 -12.42 25.36
C PRO B 104 1.15 -13.12 24.02
N GLY B 105 0.14 -13.86 23.56
CA GLY B 105 0.21 -14.52 22.27
C GLY B 105 0.37 -16.02 22.41
N THR B 106 -0.02 -16.74 21.36
CA THR B 106 0.06 -18.19 21.31
C THR B 106 0.68 -18.60 19.99
N ARG B 107 1.77 -19.36 20.05
CA ARG B 107 2.44 -19.87 18.87
C ARG B 107 1.92 -21.28 18.61
N LEU B 108 1.06 -21.41 17.60
CA LEU B 108 0.49 -22.70 17.21
C LEU B 108 1.25 -23.25 16.02
N THR B 109 1.61 -24.53 16.10
CA THR B 109 2.31 -25.23 15.02
C THR B 109 1.61 -26.56 14.77
N VAL B 110 1.12 -26.75 13.54
CA VAL B 110 0.44 -27.96 13.15
C VAL B 110 1.23 -28.61 12.03
N THR B 111 1.66 -29.84 12.25
CA THR B 111 2.44 -30.60 11.27
C THR B 111 1.66 -31.83 10.83
N GLU B 112 2.17 -32.48 9.78
CA GLU B 112 1.54 -33.71 9.27
C GLU B 112 1.55 -34.80 10.33
N ASP B 113 2.74 -35.23 10.75
CA ASP B 113 2.90 -36.26 11.75
C ASP B 113 3.95 -35.79 12.76
N LEU B 114 3.88 -36.38 13.96
CA LEU B 114 4.80 -36.01 15.04
C LEU B 114 6.21 -36.54 14.84
N LYS B 115 6.50 -37.17 13.71
CA LYS B 115 7.84 -37.68 13.45
C LYS B 115 8.85 -36.57 13.19
N ASN B 116 8.38 -35.36 12.86
CA ASN B 116 9.28 -34.25 12.56
C ASN B 116 9.71 -33.49 13.80
N VAL B 117 9.22 -33.86 14.98
CA VAL B 117 9.55 -33.14 16.20
C VAL B 117 10.88 -33.65 16.73
N PHE B 118 11.82 -32.73 16.96
CA PHE B 118 13.14 -33.07 17.47
C PHE B 118 13.61 -31.99 18.44
N PRO B 119 14.19 -32.38 19.56
CA PRO B 119 14.81 -31.40 20.45
C PRO B 119 16.11 -30.90 19.86
N PRO B 120 16.60 -29.74 20.29
CA PRO B 120 17.83 -29.20 19.73
C PRO B 120 19.07 -29.90 20.28
N GLU B 121 20.12 -29.92 19.44
CA GLU B 121 21.43 -30.41 19.83
C GLU B 121 22.31 -29.20 20.08
N VAL B 122 22.65 -28.96 21.35
CA VAL B 122 23.35 -27.76 21.77
C VAL B 122 24.82 -28.10 21.96
N ALA B 123 25.69 -27.24 21.43
CA ALA B 123 27.13 -27.38 21.59
C ALA B 123 27.76 -26.00 21.63
N VAL B 124 28.70 -25.80 22.55
CA VAL B 124 29.41 -24.54 22.71
C VAL B 124 30.81 -24.68 22.12
N PHE B 125 31.26 -23.65 21.42
CA PHE B 125 32.55 -23.65 20.74
C PHE B 125 33.48 -22.65 21.42
N GLU B 126 34.65 -23.12 21.84
CA GLU B 126 35.58 -22.29 22.58
C GLU B 126 36.26 -21.27 21.66
N PRO B 127 36.69 -20.13 22.20
CA PRO B 127 37.34 -19.11 21.38
C PRO B 127 38.66 -19.60 20.82
N SER B 128 39.16 -18.86 19.83
CA SER B 128 40.40 -19.19 19.16
C SER B 128 41.56 -18.43 19.78
N GLU B 129 42.76 -19.01 19.63
CA GLU B 129 43.96 -18.34 20.14
C GLU B 129 44.27 -17.08 19.35
N ALA B 130 43.86 -17.02 18.09
CA ALA B 130 44.15 -15.84 17.26
C ALA B 130 43.33 -14.64 17.70
N GLU B 131 42.05 -14.86 18.02
CA GLU B 131 41.20 -13.75 18.46
C GLU B 131 41.68 -13.17 19.77
N ILE B 132 42.18 -14.02 20.68
CA ILE B 132 42.61 -13.55 21.98
C ILE B 132 43.88 -12.71 21.86
N SER B 133 44.82 -13.13 21.02
CA SER B 133 46.08 -12.40 20.89
C SER B 133 45.93 -11.11 20.10
N HIS B 134 44.94 -11.05 19.19
CA HIS B 134 44.79 -9.91 18.31
C HIS B 134 43.90 -8.82 18.90
N THR B 135 42.85 -9.20 19.62
CA THR B 135 41.87 -8.24 20.13
C THR B 135 41.77 -8.22 21.65
N GLN B 136 42.50 -9.09 22.35
CA GLN B 136 42.42 -9.21 23.81
C GLN B 136 40.99 -9.50 24.28
N LYS B 137 40.22 -10.20 23.44
CA LYS B 137 38.85 -10.57 23.77
C LYS B 137 38.61 -11.98 23.26
N ALA B 138 37.56 -12.62 23.79
CA ALA B 138 37.26 -14.00 23.46
C ALA B 138 35.75 -14.18 23.32
N THR B 139 35.33 -14.79 22.22
CA THR B 139 33.92 -15.03 21.93
C THR B 139 33.63 -16.51 21.96
N LEU B 140 32.64 -16.90 22.78
CA LEU B 140 32.11 -18.25 22.79
C LEU B 140 30.87 -18.30 21.89
N VAL B 141 30.81 -19.31 21.03
CA VAL B 141 29.71 -19.47 20.07
C VAL B 141 28.93 -20.71 20.45
N CYS B 142 27.60 -20.59 20.45
CA CYS B 142 26.70 -21.70 20.79
C CYS B 142 25.82 -22.01 19.58
N LEU B 143 25.61 -23.30 19.34
CA LEU B 143 24.81 -23.76 18.21
C LEU B 143 23.74 -24.72 18.70
N ALA B 144 22.48 -24.42 18.36
CA ALA B 144 21.35 -25.31 18.57
C ALA B 144 20.89 -25.75 17.19
N THR B 145 21.03 -27.04 16.89
CA THR B 145 20.81 -27.56 15.55
C THR B 145 19.77 -28.67 15.56
N GLY B 146 19.07 -28.80 14.43
CA GLY B 146 18.19 -29.93 14.19
C GLY B 146 16.97 -30.02 15.07
N PHE B 147 16.38 -28.89 15.43
CA PHE B 147 15.16 -28.88 16.24
C PHE B 147 13.98 -28.42 15.40
N TYR B 148 12.80 -28.94 15.74
CA TYR B 148 11.56 -28.60 15.08
C TYR B 148 10.44 -28.80 16.09
N PRO B 149 9.55 -27.81 16.28
CA PRO B 149 9.56 -26.52 15.58
C PRO B 149 10.59 -25.55 16.14
N ASP B 150 10.50 -24.29 15.73
CA ASP B 150 11.46 -23.26 16.13
C ASP B 150 11.15 -22.66 17.49
N HIS B 151 10.38 -23.35 18.32
CA HIS B 151 10.04 -22.90 19.67
C HIS B 151 11.23 -23.13 20.58
N VAL B 152 12.16 -22.17 20.60
CA VAL B 152 13.35 -22.27 21.42
C VAL B 152 13.63 -20.93 22.10
N GLU B 153 14.28 -20.99 23.26
CA GLU B 153 14.72 -19.82 24.01
C GLU B 153 16.11 -20.09 24.51
N LEU B 154 17.08 -19.30 24.07
CA LEU B 154 18.49 -19.48 24.41
C LEU B 154 18.92 -18.44 25.43
N SER B 155 19.75 -18.86 26.38
CA SER B 155 20.29 -17.97 27.39
C SER B 155 21.69 -18.42 27.76
N TRP B 156 22.53 -17.45 28.11
CA TRP B 156 23.89 -17.72 28.56
C TRP B 156 23.95 -17.63 30.09
N TRP B 157 24.72 -18.51 30.70
CA TRP B 157 24.85 -18.59 32.15
C TRP B 157 26.33 -18.64 32.52
N VAL B 158 26.82 -17.56 33.11
CA VAL B 158 28.21 -17.46 33.54
C VAL B 158 28.25 -17.62 35.06
N ASN B 159 28.94 -18.66 35.53
CA ASN B 159 29.06 -18.95 36.95
C ASN B 159 27.68 -19.12 37.60
N GLY B 160 26.79 -19.82 36.90
CA GLY B 160 25.47 -20.11 37.42
C GLY B 160 24.47 -18.97 37.37
N LYS B 161 24.88 -17.80 36.91
CA LYS B 161 24.00 -16.63 36.84
C LYS B 161 23.81 -16.23 35.38
N GLU B 162 22.57 -15.97 35.00
CA GLU B 162 22.28 -15.59 33.62
C GLU B 162 22.82 -14.19 33.35
N VAL B 163 23.45 -14.02 32.18
CA VAL B 163 24.05 -12.76 31.78
C VAL B 163 23.40 -12.29 30.49
N HIS B 164 23.51 -10.98 30.25
CA HIS B 164 22.99 -10.38 29.03
C HIS B 164 24.04 -9.51 28.36
N SER B 165 24.99 -8.99 29.14
CA SER B 165 26.04 -8.15 28.59
C SER B 165 27.03 -9.02 27.82
N GLY B 166 27.39 -8.57 26.61
CA GLY B 166 28.26 -9.35 25.76
C GLY B 166 27.60 -10.54 25.10
N VAL B 167 26.27 -10.58 25.06
CA VAL B 167 25.52 -11.68 24.48
C VAL B 167 24.80 -11.18 23.24
N CYS B 168 24.82 -11.97 22.18
CA CYS B 168 24.05 -11.69 20.98
C CYS B 168 23.54 -13.00 20.40
N THR B 169 22.21 -13.08 20.21
CA THR B 169 21.55 -14.24 19.67
C THR B 169 20.81 -13.85 18.39
N ASP B 170 20.73 -14.79 17.46
CA ASP B 170 20.02 -14.54 16.22
C ASP B 170 18.56 -14.20 16.50
N PRO B 171 17.98 -13.24 15.79
CA PRO B 171 16.58 -12.88 16.06
C PRO B 171 15.60 -14.01 15.82
N GLN B 172 15.86 -14.86 14.82
CA GLN B 172 14.99 -15.97 14.49
C GLN B 172 15.85 -17.07 13.91
N PRO B 173 15.61 -18.33 14.28
CA PRO B 173 16.42 -19.42 13.74
C PRO B 173 16.20 -19.63 12.26
N LEU B 174 17.21 -20.19 11.60
CA LEU B 174 17.19 -20.43 10.17
C LEU B 174 16.86 -21.89 9.87
N LYS B 175 16.16 -22.11 8.76
CA LYS B 175 15.84 -23.45 8.31
C LYS B 175 17.08 -24.10 7.73
N GLU B 176 17.46 -25.27 8.27
CA GLU B 176 18.65 -25.96 7.80
C GLU B 176 18.53 -26.35 6.33
N GLN B 177 17.31 -26.59 5.86
CA GLN B 177 17.04 -26.90 4.45
C GLN B 177 15.84 -26.07 4.04
N PRO B 178 16.05 -24.85 3.57
CA PRO B 178 14.92 -23.94 3.30
C PRO B 178 13.94 -24.46 2.27
N ALA B 179 14.37 -25.34 1.36
CA ALA B 179 13.47 -25.84 0.32
C ALA B 179 12.44 -26.82 0.84
N LEU B 180 12.55 -27.27 2.09
CA LEU B 180 11.63 -28.23 2.67
C LEU B 180 10.60 -27.51 3.54
N ASN B 181 9.38 -28.05 3.54
CA ASN B 181 8.31 -27.48 4.36
C ASN B 181 8.45 -27.88 5.82
N ASP B 182 8.92 -29.10 6.08
CA ASP B 182 9.10 -29.61 7.44
C ASP B 182 10.57 -29.62 7.84
N SER B 183 11.32 -28.60 7.42
CA SER B 183 12.75 -28.56 7.67
C SER B 183 13.04 -28.33 9.15
N ARG B 184 14.20 -28.84 9.59
CA ARG B 184 14.69 -28.54 10.92
C ARG B 184 15.14 -27.08 10.99
N TYR B 185 15.39 -26.61 12.20
CA TYR B 185 15.84 -25.24 12.43
C TYR B 185 17.16 -25.23 13.17
N ALA B 186 17.96 -24.21 12.90
CA ALA B 186 19.23 -23.99 13.56
C ALA B 186 19.30 -22.56 14.06
N LEU B 187 19.78 -22.39 15.28
CA LEU B 187 19.89 -21.08 15.91
C LEU B 187 21.28 -20.94 16.54
N SER B 188 21.88 -19.78 16.37
CA SER B 188 23.23 -19.51 16.87
C SER B 188 23.21 -18.36 17.85
N SER B 189 24.24 -18.30 18.68
CA SER B 189 24.42 -17.22 19.65
C SER B 189 25.89 -17.12 19.98
N ARG B 190 26.27 -15.97 20.54
CA ARG B 190 27.67 -15.67 20.82
C ARG B 190 27.78 -14.88 22.11
N LEU B 191 28.73 -15.27 22.95
CA LEU B 191 29.04 -14.59 24.21
C LEU B 191 30.51 -14.18 24.17
N ARG B 192 30.75 -12.87 24.11
CA ARG B 192 32.10 -12.33 24.08
C ARG B 192 32.46 -11.82 25.47
N VAL B 193 33.56 -12.35 26.02
CA VAL B 193 34.05 -11.93 27.32
C VAL B 193 35.49 -11.45 27.18
N SER B 194 36.07 -10.97 28.28
CA SER B 194 37.46 -10.51 28.26
C SER B 194 38.40 -11.70 28.09
N ALA B 195 39.57 -11.44 27.48
CA ALA B 195 40.58 -12.48 27.36
C ALA B 195 41.09 -12.91 28.73
N THR B 196 41.26 -11.95 29.65
CA THR B 196 41.66 -12.28 31.01
C THR B 196 40.54 -13.01 31.76
N PHE B 197 39.29 -12.84 31.33
CA PHE B 197 38.18 -13.51 32.00
C PHE B 197 38.02 -14.95 31.50
N TRP B 198 38.27 -15.19 30.22
CA TRP B 198 38.18 -16.54 29.68
C TRP B 198 39.32 -17.42 30.17
N GLN B 199 40.49 -16.84 30.41
CA GLN B 199 41.66 -17.61 30.83
C GLN B 199 41.64 -17.98 32.31
N ASP B 200 40.57 -17.63 33.03
CA ASP B 200 40.43 -18.03 34.43
C ASP B 200 39.77 -19.40 34.48
N PRO B 201 40.46 -20.45 34.95
CA PRO B 201 39.87 -21.79 34.95
C PRO B 201 38.69 -21.95 35.89
N ARG B 202 38.45 -20.99 36.78
CA ARG B 202 37.34 -21.09 37.73
C ARG B 202 36.02 -20.60 37.16
N ASN B 203 36.04 -19.89 36.03
CA ASN B 203 34.81 -19.41 35.42
C ASN B 203 34.12 -20.54 34.66
N HIS B 204 32.80 -20.60 34.78
CA HIS B 204 31.98 -21.64 34.16
C HIS B 204 31.01 -21.02 33.17
N PHE B 205 31.02 -21.51 31.94
CA PHE B 205 30.16 -21.01 30.88
C PHE B 205 29.19 -22.10 30.45
N ARG B 206 27.92 -21.72 30.30
CA ARG B 206 26.88 -22.66 29.89
C ARG B 206 25.89 -21.98 28.97
N CYS B 207 25.52 -22.68 27.90
CA CYS B 207 24.55 -22.19 26.92
C CYS B 207 23.27 -23.00 27.08
N GLN B 208 22.28 -22.43 27.75
CA GLN B 208 21.02 -23.12 28.02
C GLN B 208 20.02 -22.80 26.91
N VAL B 209 19.37 -23.83 26.38
CA VAL B 209 18.38 -23.70 25.31
C VAL B 209 17.10 -24.37 25.77
N GLN B 210 16.08 -23.57 26.06
CA GLN B 210 14.78 -24.08 26.44
C GLN B 210 13.97 -24.41 25.18
N PHE B 211 13.56 -25.67 25.06
CA PHE B 211 12.79 -26.14 23.91
C PHE B 211 11.38 -26.49 24.34
N TYR B 212 10.41 -26.07 23.53
CA TYR B 212 8.99 -26.33 23.79
C TYR B 212 8.48 -27.31 22.75
N GLY B 213 8.27 -28.56 23.16
CA GLY B 213 7.78 -29.59 22.27
C GLY B 213 6.52 -30.26 22.78
N LEU B 214 6.41 -31.56 22.54
CA LEU B 214 5.25 -32.32 23.02
C LEU B 214 5.15 -32.25 24.53
N SER B 215 3.92 -32.26 25.03
CA SER B 215 3.68 -32.33 26.46
C SER B 215 3.80 -33.77 26.95
N GLU B 216 3.91 -33.92 28.27
CA GLU B 216 4.04 -35.25 28.86
C GLU B 216 2.78 -36.08 28.69
N ASN B 217 1.64 -35.45 28.37
CA ASN B 217 0.39 -36.16 28.16
C ASN B 217 0.16 -36.57 26.71
N ASP B 218 0.96 -36.07 25.78
CA ASP B 218 0.80 -36.44 24.38
C ASP B 218 1.29 -37.88 24.15
N GLU B 219 0.59 -38.59 23.28
CA GLU B 219 0.97 -39.95 22.95
C GLU B 219 2.18 -39.96 22.03
N TRP B 220 2.97 -41.04 22.13
CA TRP B 220 4.20 -41.17 21.35
C TRP B 220 4.44 -42.65 21.11
N THR B 221 4.38 -43.07 19.84
CA THR B 221 4.51 -44.47 19.48
C THR B 221 5.84 -44.79 18.80
N GLN B 222 6.69 -43.80 18.55
CA GLN B 222 7.97 -44.03 17.92
C GLN B 222 8.98 -44.56 18.92
N ASP B 223 9.87 -45.44 18.45
CA ASP B 223 10.92 -45.96 19.30
C ASP B 223 11.99 -44.92 19.63
N ARG B 224 12.01 -43.82 18.89
CA ARG B 224 12.95 -42.73 19.17
C ARG B 224 12.62 -42.08 20.52
N ALA B 225 13.61 -41.37 21.05
CA ALA B 225 13.40 -40.63 22.30
C ALA B 225 12.30 -39.58 22.11
N LYS B 226 11.40 -39.51 23.08
CA LYS B 226 10.23 -38.64 22.96
C LYS B 226 10.65 -37.18 23.04
N PRO B 227 10.27 -36.36 22.06
CA PRO B 227 10.66 -34.93 22.05
C PRO B 227 9.77 -34.07 22.95
N VAL B 228 9.89 -34.29 24.25
CA VAL B 228 9.13 -33.52 25.22
C VAL B 228 9.75 -32.13 25.38
N THR B 229 8.94 -31.19 25.87
CA THR B 229 9.46 -29.89 26.28
C THR B 229 10.57 -30.09 27.31
N GLN B 230 11.78 -29.70 26.95
CA GLN B 230 12.95 -30.01 27.76
C GLN B 230 13.96 -28.87 27.66
N ILE B 231 15.09 -29.04 28.33
CA ILE B 231 16.19 -28.08 28.30
C ILE B 231 17.46 -28.82 27.92
N VAL B 232 18.13 -28.34 26.88
CA VAL B 232 19.39 -28.91 26.42
C VAL B 232 20.45 -27.81 26.49
N SER B 233 21.58 -28.12 27.10
CA SER B 233 22.63 -27.15 27.31
C SER B 233 23.99 -27.77 27.03
N ALA B 234 25.03 -26.93 27.04
CA ALA B 234 26.39 -27.36 26.84
C ALA B 234 27.31 -26.48 27.68
N GLU B 235 28.28 -27.11 28.34
CA GLU B 235 29.15 -26.44 29.29
C GLU B 235 30.55 -26.24 28.71
N ALA B 236 31.29 -25.34 29.35
CA ALA B 236 32.68 -25.06 28.99
C ALA B 236 33.32 -24.29 30.12
N TRP B 237 34.57 -24.65 30.44
CA TRP B 237 35.31 -24.02 31.51
C TRP B 237 36.44 -23.16 30.94
N GLY B 238 37.04 -22.36 31.83
CA GLY B 238 38.15 -21.53 31.43
C GLY B 238 39.40 -22.34 31.17
N ARG B 239 40.27 -21.77 30.33
CA ARG B 239 41.49 -22.44 29.92
C ARG B 239 42.57 -21.39 29.71
N ALA B 240 43.60 -21.42 30.56
CA ALA B 240 44.71 -20.48 30.44
C ALA B 240 45.63 -20.78 29.28
N ASP B 241 45.44 -21.90 28.59
CA ASP B 241 46.27 -22.27 27.46
C ASP B 241 46.04 -21.33 26.28
N GLY C 1 -15.98 30.10 -25.96
CA GLY C 1 -16.55 30.77 -27.10
C GLY C 1 -17.05 29.81 -28.17
N SER C 2 -16.63 30.03 -29.41
CA SER C 2 -17.04 29.16 -30.50
C SER C 2 -16.30 27.83 -30.46
N HIS C 3 -14.97 27.88 -30.52
CA HIS C 3 -14.15 26.68 -30.48
C HIS C 3 -13.07 26.83 -29.41
N SER C 4 -12.46 25.71 -29.05
CA SER C 4 -11.43 25.71 -28.02
C SER C 4 -10.53 24.49 -28.22
N MET C 5 -9.30 24.61 -27.72
CA MET C 5 -8.32 23.54 -27.74
C MET C 5 -7.70 23.42 -26.36
N ARG C 6 -7.70 22.22 -25.79
CA ARG C 6 -7.27 22.03 -24.41
C ARG C 6 -6.38 20.79 -24.31
N TYR C 7 -5.39 20.87 -23.43
CA TYR C 7 -4.54 19.75 -23.07
C TYR C 7 -4.67 19.48 -21.58
N PHE C 8 -4.67 18.20 -21.21
CA PHE C 8 -4.81 17.78 -19.83
C PHE C 8 -3.67 16.85 -19.47
N PHE C 9 -2.98 17.14 -18.37
CA PHE C 9 -1.83 16.36 -17.93
C PHE C 9 -2.06 15.90 -16.50
N THR C 10 -1.64 14.66 -16.21
CA THR C 10 -1.79 14.07 -14.88
C THR C 10 -0.58 13.22 -14.58
N SER C 11 0.06 13.47 -13.44
CA SER C 11 1.21 12.71 -12.98
C SER C 11 0.95 12.25 -11.55
N VAL C 12 0.76 10.94 -11.37
CA VAL C 12 0.55 10.35 -10.06
C VAL C 12 1.78 9.52 -9.71
N SER C 13 2.34 9.77 -8.53
CA SER C 13 3.55 9.07 -8.10
C SER C 13 3.20 7.69 -7.54
N ARG C 14 4.11 6.74 -7.76
CA ARG C 14 3.99 5.37 -7.28
C ARG C 14 5.20 5.06 -6.41
N PRO C 15 5.21 5.53 -5.17
CA PRO C 15 6.40 5.35 -4.30
C PRO C 15 6.64 3.88 -4.01
N GLY C 16 7.83 3.41 -4.36
CA GLY C 16 8.26 2.06 -4.04
C GLY C 16 8.08 1.04 -5.14
N ARG C 17 7.30 1.35 -6.18
CA ARG C 17 7.05 0.37 -7.24
C ARG C 17 7.11 1.00 -8.62
N GLY C 18 7.94 2.01 -8.83
CA GLY C 18 8.19 2.54 -10.15
C GLY C 18 8.12 4.06 -10.19
N GLU C 19 8.46 4.58 -11.36
CA GLU C 19 8.41 6.02 -11.60
C GLU C 19 6.96 6.50 -11.69
N PRO C 20 6.72 7.79 -11.49
CA PRO C 20 5.35 8.30 -11.56
C PRO C 20 4.73 8.08 -12.93
N ARG C 21 3.43 7.77 -12.94
CA ARG C 21 2.71 7.55 -14.18
C ARG C 21 2.24 8.89 -14.75
N PHE C 22 2.45 9.07 -16.05
CA PHE C 22 2.13 10.31 -16.74
C PHE C 22 1.13 10.01 -17.86
N ILE C 23 0.02 10.74 -17.86
CA ILE C 23 -1.00 10.61 -18.89
C ILE C 23 -1.34 12.00 -19.41
N ALA C 24 -1.29 12.18 -20.72
CA ALA C 24 -1.58 13.45 -21.36
C ALA C 24 -2.57 13.22 -22.49
N VAL C 25 -3.60 14.07 -22.55
CA VAL C 25 -4.61 14.00 -23.60
C VAL C 25 -4.79 15.39 -24.21
N GLY C 26 -5.12 15.41 -25.49
CA GLY C 26 -5.41 16.65 -26.19
C GLY C 26 -6.84 16.67 -26.68
N TYR C 27 -7.48 17.83 -26.59
CA TYR C 27 -8.89 17.91 -27.05
C TYR C 27 -9.12 19.14 -27.91
N VAL C 28 -9.86 18.99 -28.99
CA VAL C 28 -10.33 20.19 -29.78
C VAL C 28 -11.83 20.22 -29.63
N ASP C 29 -12.38 21.17 -28.87
CA ASP C 29 -13.81 21.13 -28.49
C ASP C 29 -14.00 19.86 -27.65
N ASP C 30 -14.91 19.00 -28.05
CA ASP C 30 -15.18 17.77 -27.26
C ASP C 30 -14.57 16.54 -27.92
N THR C 31 -13.66 16.72 -28.87
CA THR C 31 -13.08 15.52 -29.53
C THR C 31 -11.62 15.31 -29.13
N GLN C 32 -11.26 14.13 -28.63
CA GLN C 32 -9.88 13.82 -28.30
C GLN C 32 -9.13 13.39 -29.56
N PHE C 33 -7.98 14.04 -29.80
CA PHE C 33 -7.21 13.77 -31.02
C PHE C 33 -5.79 13.28 -30.76
N VAL C 34 -5.22 13.51 -29.59
CA VAL C 34 -3.91 13.00 -29.23
C VAL C 34 -3.93 12.49 -27.79
N ARG C 35 -3.01 11.59 -27.50
CA ARG C 35 -2.91 11.02 -26.16
C ARG C 35 -1.52 10.46 -25.95
N PHE C 36 -1.15 10.31 -24.68
CA PHE C 36 0.11 9.70 -24.30
C PHE C 36 -0.05 9.03 -22.95
N ASP C 37 0.47 7.83 -22.82
CA ASP C 37 0.43 7.07 -21.57
C ASP C 37 1.82 6.49 -21.32
N SER C 38 2.40 6.82 -20.16
CA SER C 38 3.72 6.30 -19.83
C SER C 38 3.70 4.79 -19.67
N ASP C 39 2.58 4.22 -19.23
CA ASP C 39 2.46 2.78 -19.09
C ASP C 39 2.09 2.08 -20.39
N ALA C 40 1.87 2.83 -21.47
CA ALA C 40 1.52 2.24 -22.76
C ALA C 40 2.75 1.63 -23.40
N ALA C 41 2.55 0.98 -24.55
CA ALA C 41 3.63 0.29 -25.23
C ALA C 41 4.29 1.14 -26.31
N SER C 42 3.55 2.07 -26.92
CA SER C 42 4.10 2.86 -28.02
C SER C 42 5.17 3.84 -27.55
N GLN C 43 5.02 4.38 -26.34
CA GLN C 43 5.92 5.41 -25.82
C GLN C 43 5.99 6.62 -26.74
N ARG C 44 4.90 6.92 -27.44
CA ARG C 44 4.84 8.03 -28.37
C ARG C 44 3.51 8.74 -28.23
N MET C 45 3.44 9.95 -28.79
CA MET C 45 2.19 10.68 -28.89
C MET C 45 1.30 9.97 -29.90
N GLU C 46 0.18 9.43 -29.44
CA GLU C 46 -0.60 8.63 -30.39
C GLU C 46 -1.81 9.41 -30.89
N PRO C 47 -2.18 9.25 -32.15
CA PRO C 47 -3.37 9.91 -32.67
C PRO C 47 -4.64 9.27 -32.14
N ARG C 48 -5.66 10.10 -31.95
CA ARG C 48 -6.98 9.63 -31.51
C ARG C 48 -8.10 10.19 -32.38
N ALA C 49 -7.77 10.85 -33.49
CA ALA C 49 -8.75 11.38 -34.43
C ALA C 49 -8.23 11.16 -35.85
N PRO C 50 -9.13 10.98 -36.81
CA PRO C 50 -8.66 10.72 -38.19
C PRO C 50 -7.91 11.90 -38.80
N TRP C 51 -8.35 13.13 -38.52
CA TRP C 51 -7.78 14.29 -39.20
C TRP C 51 -6.39 14.65 -38.68
N ILE C 52 -6.02 14.20 -37.48
CA ILE C 52 -4.69 14.49 -36.96
C ILE C 52 -3.64 13.52 -37.52
N GLU C 53 -4.07 12.39 -38.08
CA GLU C 53 -3.12 11.40 -38.59
C GLU C 53 -2.38 11.89 -39.82
N GLN C 54 -2.89 12.91 -40.51
CA GLN C 54 -2.23 13.41 -41.71
C GLN C 54 -0.98 14.22 -41.39
N GLU C 55 -0.74 14.56 -40.12
CA GLU C 55 0.47 15.27 -39.76
C GLU C 55 1.70 14.42 -40.00
N GLY C 56 2.78 15.06 -40.45
CA GLY C 56 3.98 14.35 -40.81
C GLY C 56 4.73 13.85 -39.60
N PRO C 57 5.83 13.12 -39.86
CA PRO C 57 6.61 12.58 -38.74
C PRO C 57 7.30 13.65 -37.91
N GLU C 58 7.60 14.81 -38.49
CA GLU C 58 8.17 15.90 -37.70
C GLU C 58 7.23 16.35 -36.60
N TYR C 59 5.93 16.27 -36.84
CA TYR C 59 4.94 16.60 -35.82
C TYR C 59 4.98 15.57 -34.68
N TRP C 60 4.84 14.29 -35.02
CA TRP C 60 4.73 13.26 -33.98
C TRP C 60 6.04 13.10 -33.21
N ASP C 61 7.17 13.16 -33.90
CA ASP C 61 8.46 13.09 -33.20
C ASP C 61 8.63 14.28 -32.27
N GLY C 62 8.18 15.47 -32.69
CA GLY C 62 8.26 16.63 -31.82
C GLY C 62 7.29 16.55 -30.66
N GLU C 63 6.07 16.07 -30.92
CA GLU C 63 5.09 15.94 -29.84
C GLU C 63 5.52 14.87 -28.84
N THR C 64 6.11 13.77 -29.33
CA THR C 64 6.57 12.72 -28.42
C THR C 64 7.70 13.21 -27.53
N ARG C 65 8.61 14.01 -28.08
CA ARG C 65 9.68 14.57 -27.25
C ARG C 65 9.18 15.62 -26.28
N LYS C 66 8.11 16.32 -26.62
CA LYS C 66 7.49 17.33 -25.72
C LYS C 66 6.73 16.72 -24.54
N VAL C 67 5.96 15.64 -24.72
CA VAL C 67 5.19 15.04 -23.62
C VAL C 67 6.13 14.37 -22.63
N LYS C 68 7.20 13.74 -23.13
CA LYS C 68 8.19 13.14 -22.22
C LYS C 68 8.89 14.23 -21.41
N ALA C 69 9.11 15.40 -22.01
CA ALA C 69 9.64 16.52 -21.25
C ALA C 69 8.61 17.02 -20.23
N HIS C 70 7.33 17.00 -20.59
CA HIS C 70 6.28 17.33 -19.64
C HIS C 70 6.29 16.36 -18.46
N SER C 71 6.44 15.06 -18.74
CA SER C 71 6.51 14.08 -17.67
C SER C 71 7.75 14.27 -16.82
N GLN C 72 8.89 14.62 -17.45
CA GLN C 72 10.11 14.83 -16.71
C GLN C 72 10.03 16.06 -15.82
N THR C 73 9.30 17.09 -16.26
CA THR C 73 9.10 18.27 -15.42
C THR C 73 8.23 17.93 -14.21
N HIS C 74 7.22 17.06 -14.41
CA HIS C 74 6.36 16.69 -13.30
C HIS C 74 7.04 15.73 -12.33
N ARG C 75 8.08 15.02 -12.77
CA ARG C 75 8.80 14.14 -11.85
C ARG C 75 9.54 14.95 -10.79
N VAL C 76 10.24 16.00 -11.20
CA VAL C 76 10.89 16.87 -10.23
C VAL C 76 9.88 17.75 -9.51
N ASP C 77 8.69 17.95 -10.09
CA ASP C 77 7.65 18.69 -9.40
C ASP C 77 7.10 17.90 -8.21
N LEU C 78 6.90 16.59 -8.39
CA LEU C 78 6.37 15.78 -7.30
C LEU C 78 7.32 15.73 -6.12
N GLY C 79 8.63 15.71 -6.38
CA GLY C 79 9.62 15.70 -5.33
C GLY C 79 9.77 17.06 -4.67
N THR C 80 9.71 18.12 -5.47
CA THR C 80 9.85 19.48 -4.93
C THR C 80 8.64 19.85 -4.08
N LEU C 81 7.43 19.48 -4.54
CA LEU C 81 6.23 19.85 -3.82
C LEU C 81 6.13 19.16 -2.46
N ARG C 82 6.63 17.92 -2.35
CA ARG C 82 6.60 17.23 -1.07
C ARG C 82 7.51 17.89 -0.05
N GLY C 83 8.46 18.71 -0.48
CA GLY C 83 9.33 19.43 0.42
C GLY C 83 8.74 20.75 0.87
N TYR C 84 7.86 21.32 0.04
CA TYR C 84 7.19 22.56 0.42
C TYR C 84 6.24 22.36 1.60
N TYR C 85 5.73 21.14 1.77
CA TYR C 85 4.79 20.82 2.83
C TYR C 85 5.35 19.84 3.85
N ASN C 86 6.61 19.43 3.72
CA ASN C 86 7.25 18.46 4.61
C ASN C 86 6.44 17.16 4.67
N GLN C 87 6.25 16.56 3.49
CA GLN C 87 5.50 15.33 3.36
C GLN C 87 6.44 14.16 3.12
N SER C 88 6.01 12.98 3.58
CA SER C 88 6.85 11.79 3.52
C SER C 88 6.91 11.23 2.10
N GLU C 89 7.92 10.40 1.86
CA GLU C 89 8.09 9.72 0.59
C GLU C 89 7.23 8.47 0.46
N ALA C 90 6.46 8.13 1.50
CA ALA C 90 5.61 6.95 1.47
C ALA C 90 4.23 7.22 0.87
N GLY C 91 3.80 8.47 0.84
CA GLY C 91 2.49 8.81 0.30
C GLY C 91 2.54 9.06 -1.20
N SER C 92 1.47 8.64 -1.87
CA SER C 92 1.33 8.83 -3.32
C SER C 92 0.59 10.12 -3.58
N HIS C 93 1.21 11.02 -4.36
CA HIS C 93 0.64 12.32 -4.66
C HIS C 93 0.37 12.43 -6.16
N THR C 94 -0.49 13.39 -6.51
CA THR C 94 -0.93 13.57 -7.89
C THR C 94 -0.72 15.03 -8.29
N VAL C 95 -0.16 15.24 -9.48
CA VAL C 95 0.05 16.56 -10.05
C VAL C 95 -0.74 16.65 -11.34
N GLN C 96 -1.52 17.73 -11.49
CA GLN C 96 -2.36 17.92 -12.66
C GLN C 96 -2.10 19.30 -13.25
N ARG C 97 -2.12 19.38 -14.59
CA ARG C 97 -1.90 20.63 -15.30
C ARG C 97 -2.79 20.64 -16.54
N MET C 98 -3.35 21.80 -16.85
CA MET C 98 -4.12 21.96 -18.07
C MET C 98 -3.96 23.39 -18.58
N TYR C 99 -3.94 23.53 -19.89
CA TYR C 99 -3.90 24.84 -20.53
C TYR C 99 -4.60 24.76 -21.88
N GLY C 100 -4.91 25.93 -22.43
CA GLY C 100 -5.57 25.99 -23.72
C GLY C 100 -6.06 27.39 -24.01
N CYS C 101 -6.70 27.51 -25.17
CA CYS C 101 -7.20 28.79 -25.66
C CYS C 101 -8.61 28.65 -26.19
N ASP C 102 -9.39 29.72 -26.05
CA ASP C 102 -10.74 29.79 -26.58
C ASP C 102 -10.80 30.85 -27.66
N VAL C 103 -11.46 30.53 -28.77
CA VAL C 103 -11.58 31.43 -29.90
C VAL C 103 -13.05 31.77 -30.11
N GLY C 104 -13.29 32.89 -30.80
CA GLY C 104 -14.62 33.36 -31.09
C GLY C 104 -15.10 32.90 -32.45
N SER C 105 -16.19 33.56 -32.92
CA SER C 105 -16.75 33.21 -34.22
C SER C 105 -15.79 33.51 -35.35
N ASP C 106 -14.89 34.47 -35.17
CA ASP C 106 -13.88 34.82 -36.15
C ASP C 106 -12.63 33.96 -36.05
N TRP C 107 -12.65 32.94 -35.18
CA TRP C 107 -11.50 32.06 -34.95
C TRP C 107 -10.28 32.84 -34.47
N ARG C 108 -10.50 33.96 -33.81
CA ARG C 108 -9.44 34.77 -33.22
C ARG C 108 -9.44 34.58 -31.70
N PHE C 109 -8.32 34.94 -31.08
CA PHE C 109 -8.15 34.70 -29.65
C PHE C 109 -9.21 35.43 -28.85
N LEU C 110 -9.79 34.73 -27.88
CA LEU C 110 -10.80 35.28 -26.99
C LEU C 110 -10.47 35.07 -25.52
N ARG C 111 -9.84 33.95 -25.17
CA ARG C 111 -9.63 33.62 -23.77
C ARG C 111 -8.51 32.57 -23.67
N GLY C 112 -7.66 32.73 -22.66
CA GLY C 112 -6.59 31.78 -22.43
C GLY C 112 -6.46 31.44 -20.96
N TYR C 113 -5.86 30.28 -20.71
CA TYR C 113 -5.77 29.79 -19.34
C TYR C 113 -4.63 28.78 -19.23
N HIS C 114 -4.08 28.68 -18.01
CA HIS C 114 -3.04 27.70 -17.70
C HIS C 114 -3.11 27.46 -16.20
N GLN C 115 -3.56 26.28 -15.81
CA GLN C 115 -3.85 25.98 -14.40
C GLN C 115 -3.02 24.78 -13.93
N TYR C 116 -2.73 24.78 -12.64
CA TYR C 116 -1.88 23.76 -12.02
C TYR C 116 -2.50 23.34 -10.70
N ALA C 117 -2.44 22.05 -10.40
CA ALA C 117 -3.05 21.52 -9.19
C ALA C 117 -2.11 20.50 -8.53
N TYR C 118 -2.32 20.30 -7.24
CA TYR C 118 -1.54 19.35 -6.45
C TYR C 118 -2.48 18.67 -5.47
N ASP C 119 -2.58 17.34 -5.58
CA ASP C 119 -3.46 16.54 -4.72
C ASP C 119 -4.92 16.96 -4.84
N GLY C 120 -5.31 17.36 -6.06
CA GLY C 120 -6.70 17.66 -6.36
C GLY C 120 -7.16 19.05 -6.01
N LYS C 121 -6.27 19.94 -5.56
CA LYS C 121 -6.63 21.30 -5.22
C LYS C 121 -5.76 22.27 -6.01
N ASP C 122 -6.31 23.45 -6.28
CA ASP C 122 -5.61 24.47 -7.05
C ASP C 122 -4.28 24.83 -6.38
N TYR C 123 -3.20 24.85 -7.16
CA TYR C 123 -1.90 25.27 -6.68
C TYR C 123 -1.52 26.65 -7.20
N ILE C 124 -1.50 26.82 -8.53
CA ILE C 124 -1.21 28.11 -9.13
C ILE C 124 -1.88 28.14 -10.50
N ALA C 125 -2.33 29.32 -10.89
CA ALA C 125 -3.03 29.47 -12.16
C ALA C 125 -2.77 30.85 -12.73
N LEU C 126 -2.69 30.92 -14.05
CA LEU C 126 -2.52 32.19 -14.75
C LEU C 126 -3.85 32.92 -14.82
N LYS C 127 -3.83 34.22 -14.53
CA LYS C 127 -5.06 35.00 -14.53
C LYS C 127 -5.54 35.24 -15.96
N GLU C 128 -6.71 35.87 -16.08
CA GLU C 128 -7.31 36.09 -17.39
C GLU C 128 -6.48 37.03 -18.25
N ASP C 129 -5.80 38.00 -17.65
CA ASP C 129 -4.95 38.91 -18.39
C ASP C 129 -3.66 38.26 -18.87
N LEU C 130 -3.42 37.01 -18.52
CA LEU C 130 -2.23 36.25 -18.95
C LEU C 130 -0.94 36.95 -18.52
N ARG C 131 -1.00 37.73 -17.44
CA ARG C 131 0.16 38.49 -16.98
C ARG C 131 0.41 38.38 -15.49
N SER C 132 -0.55 37.90 -14.69
CA SER C 132 -0.39 37.74 -13.26
C SER C 132 -0.57 36.28 -12.88
N TRP C 133 -0.35 35.99 -11.60
CA TRP C 133 -0.46 34.64 -11.07
C TRP C 133 -1.36 34.63 -9.84
N THR C 134 -2.08 33.53 -9.65
CA THR C 134 -2.95 33.33 -8.50
C THR C 134 -2.38 32.17 -7.68
N ALA C 135 -1.62 32.49 -6.65
CA ALA C 135 -1.06 31.48 -5.76
C ALA C 135 -2.08 31.13 -4.68
N ALA C 136 -2.31 29.83 -4.48
CA ALA C 136 -3.35 29.40 -3.55
C ALA C 136 -2.88 29.51 -2.11
N ASP C 137 -1.82 28.79 -1.75
CA ASP C 137 -1.31 28.75 -0.39
C ASP C 137 0.06 29.42 -0.32
N MET C 138 0.66 29.36 0.86
CA MET C 138 1.96 30.00 1.06
C MET C 138 3.05 29.32 0.25
N ALA C 139 3.01 27.99 0.17
CA ALA C 139 3.99 27.26 -0.62
C ALA C 139 3.87 27.55 -2.12
N ALA C 140 2.70 28.00 -2.58
CA ALA C 140 2.53 28.37 -3.97
C ALA C 140 3.13 29.74 -4.28
N GLN C 141 3.29 30.60 -3.28
CA GLN C 141 3.92 31.90 -3.49
C GLN C 141 5.38 31.75 -3.88
N THR C 142 6.04 30.68 -3.42
CA THR C 142 7.41 30.42 -3.83
C THR C 142 7.48 30.16 -5.32
N THR C 143 6.50 29.43 -5.87
CA THR C 143 6.47 29.18 -7.31
C THR C 143 6.17 30.46 -8.08
N LYS C 144 5.28 31.31 -7.55
CA LYS C 144 4.96 32.55 -8.23
C LYS C 144 6.19 33.45 -8.36
N HIS C 145 6.86 33.71 -7.24
CA HIS C 145 8.07 34.53 -7.28
C HIS C 145 9.15 33.89 -8.15
N LYS C 146 9.19 32.56 -8.21
CA LYS C 146 10.14 31.88 -9.07
C LYS C 146 9.77 32.05 -10.54
N TRP C 147 8.47 32.01 -10.85
CA TRP C 147 8.02 32.15 -12.23
C TRP C 147 7.96 33.60 -12.68
N GLU C 148 7.79 34.54 -11.74
CA GLU C 148 7.83 35.95 -12.10
C GLU C 148 9.25 36.40 -12.44
N ALA C 149 10.23 35.92 -11.66
CA ALA C 149 11.62 36.25 -11.93
C ALA C 149 12.16 35.57 -13.19
N ALA C 150 11.46 34.57 -13.71
CA ALA C 150 11.84 33.90 -14.95
C ALA C 150 11.02 34.34 -16.14
N HIS C 151 10.08 35.26 -15.95
CA HIS C 151 9.21 35.76 -17.02
C HIS C 151 8.49 34.61 -17.72
N VAL C 152 7.84 33.77 -16.92
CA VAL C 152 7.15 32.61 -17.46
C VAL C 152 5.82 33.01 -18.08
N ALA C 153 5.11 33.95 -17.45
CA ALA C 153 3.81 34.36 -17.98
C ALA C 153 3.93 34.98 -19.36
N GLU C 154 5.02 35.71 -19.61
CA GLU C 154 5.21 36.32 -20.92
C GLU C 154 5.35 35.27 -22.01
N GLN C 155 6.03 34.16 -21.71
CA GLN C 155 6.23 33.11 -22.70
C GLN C 155 4.99 32.22 -22.85
N LEU C 156 4.26 31.99 -21.75
CA LEU C 156 3.02 31.24 -21.85
C LEU C 156 1.97 32.00 -22.65
N ARG C 157 1.95 33.34 -22.54
CA ARG C 157 1.02 34.13 -23.32
C ARG C 157 1.34 34.06 -24.81
N ALA C 158 2.61 33.86 -25.16
CA ALA C 158 2.97 33.70 -26.57
C ALA C 158 2.37 32.44 -27.17
N TYR C 159 2.12 31.42 -26.34
CA TYR C 159 1.46 30.21 -26.82
C TYR C 159 -0.05 30.38 -26.83
N LEU C 160 -0.62 30.81 -25.71
CA LEU C 160 -2.08 30.89 -25.59
C LEU C 160 -2.68 31.88 -26.59
N GLU C 161 -2.05 33.04 -26.74
CA GLU C 161 -2.51 34.01 -27.74
C GLU C 161 -1.97 33.71 -29.14
N GLY C 162 -0.91 32.93 -29.24
CA GLY C 162 -0.24 32.71 -30.51
C GLY C 162 -0.51 31.36 -31.13
N THR C 163 0.43 30.42 -30.96
CA THR C 163 0.37 29.15 -31.67
C THR C 163 -0.81 28.29 -31.24
N CYS C 164 -1.44 28.56 -30.10
CA CYS C 164 -2.62 27.80 -29.70
C CYS C 164 -3.79 28.10 -30.63
N VAL C 165 -4.08 29.38 -30.85
CA VAL C 165 -5.20 29.74 -31.72
C VAL C 165 -4.85 29.51 -33.19
N GLU C 166 -3.57 29.55 -33.55
CA GLU C 166 -3.18 29.35 -34.94
C GLU C 166 -3.23 27.87 -35.31
N TRP C 167 -2.88 26.98 -34.38
CA TRP C 167 -2.98 25.55 -34.63
C TRP C 167 -4.38 25.01 -34.35
N LEU C 168 -5.18 25.74 -33.57
CA LEU C 168 -6.60 25.39 -33.47
C LEU C 168 -7.31 25.65 -34.79
N ARG C 169 -6.97 26.75 -35.46
CA ARG C 169 -7.53 27.01 -36.78
C ARG C 169 -7.10 25.96 -37.78
N ARG C 170 -5.85 25.49 -37.68
CA ARG C 170 -5.36 24.45 -38.58
C ARG C 170 -6.14 23.14 -38.39
N TYR C 171 -6.44 22.79 -37.13
CA TYR C 171 -7.15 21.55 -36.88
C TYR C 171 -8.61 21.65 -37.30
N LEU C 172 -9.22 22.82 -37.13
CA LEU C 172 -10.61 23.00 -37.55
C LEU C 172 -10.77 22.87 -39.06
N GLU C 173 -9.76 23.31 -39.83
CA GLU C 173 -9.85 23.21 -41.28
C GLU C 173 -9.57 21.78 -41.76
N ASN C 174 -8.61 21.09 -41.13
CA ASN C 174 -8.27 19.74 -41.57
C ASN C 174 -9.35 18.74 -41.19
N GLY C 175 -10.08 18.99 -40.10
CA GLY C 175 -11.12 18.09 -39.66
C GLY C 175 -12.50 18.72 -39.76
N LYS C 176 -12.75 19.43 -40.87
CA LYS C 176 -14.00 20.17 -41.02
C LYS C 176 -15.21 19.26 -40.92
N GLU C 177 -15.15 18.07 -41.54
CA GLU C 177 -16.26 17.15 -41.51
C GLU C 177 -16.56 16.63 -40.11
N THR C 178 -15.58 16.68 -39.21
CA THR C 178 -15.75 16.18 -37.85
C THR C 178 -15.89 17.28 -36.82
N LEU C 179 -14.96 18.24 -36.80
CA LEU C 179 -14.96 19.25 -35.75
C LEU C 179 -16.05 20.31 -35.95
N GLN C 180 -16.24 20.75 -37.19
CA GLN C 180 -17.22 21.78 -37.49
C GLN C 180 -18.63 21.24 -37.67
N ARG C 181 -18.87 19.98 -37.33
CA ARG C 181 -20.20 19.41 -37.45
C ARG C 181 -21.05 19.80 -36.24
N THR C 182 -22.36 19.60 -36.38
CA THR C 182 -23.29 19.86 -35.30
C THR C 182 -24.40 18.83 -35.40
N ASP C 183 -24.39 17.85 -34.48
CA ASP C 183 -25.37 16.78 -34.48
C ASP C 183 -26.52 17.14 -33.54
N ALA C 184 -27.70 17.32 -34.10
CA ALA C 184 -28.88 17.60 -33.29
C ALA C 184 -29.26 16.38 -32.46
N PRO C 185 -29.84 16.59 -31.28
CA PRO C 185 -30.21 15.45 -30.43
C PRO C 185 -31.35 14.64 -31.03
N LYS C 186 -31.25 13.32 -30.90
CA LYS C 186 -32.33 12.42 -31.24
C LYS C 186 -33.13 12.17 -29.97
N THR C 187 -34.33 12.75 -29.90
CA THR C 187 -35.10 12.80 -28.67
C THR C 187 -36.30 11.86 -28.74
N HIS C 188 -36.69 11.36 -27.57
CA HIS C 188 -37.92 10.61 -27.39
C HIS C 188 -38.27 10.63 -25.91
N MET C 189 -39.41 10.04 -25.56
CA MET C 189 -39.87 10.04 -24.18
C MET C 189 -40.43 8.68 -23.81
N THR C 190 -40.13 8.23 -22.60
CA THR C 190 -40.60 6.95 -22.09
C THR C 190 -41.46 7.17 -20.84
N HIS C 191 -42.39 6.26 -20.61
CA HIS C 191 -43.31 6.32 -19.48
C HIS C 191 -43.10 5.11 -18.59
N HIS C 192 -43.03 5.34 -17.28
CA HIS C 192 -42.80 4.28 -16.31
C HIS C 192 -43.77 4.45 -15.16
N ALA C 193 -44.60 3.42 -14.92
CA ALA C 193 -45.54 3.44 -13.81
C ALA C 193 -44.80 3.20 -12.51
N VAL C 194 -44.90 4.15 -11.59
CA VAL C 194 -44.20 4.07 -10.30
C VAL C 194 -45.12 3.58 -9.20
N SER C 195 -46.34 4.12 -9.13
CA SER C 195 -47.32 3.69 -8.14
C SER C 195 -48.70 3.84 -8.76
N ASP C 196 -49.74 3.70 -7.92
CA ASP C 196 -51.10 3.81 -8.42
C ASP C 196 -51.44 5.23 -8.85
N HIS C 197 -50.81 6.23 -8.22
CA HIS C 197 -51.11 7.63 -8.50
C HIS C 197 -49.96 8.37 -9.19
N GLU C 198 -48.73 7.89 -9.06
CA GLU C 198 -47.55 8.57 -9.58
C GLU C 198 -47.00 7.84 -10.79
N ALA C 199 -46.33 8.59 -11.66
CA ALA C 199 -45.69 8.02 -12.85
C ALA C 199 -44.58 8.96 -13.29
N THR C 200 -43.44 8.40 -13.66
CA THR C 200 -42.27 9.16 -14.06
C THR C 200 -42.16 9.23 -15.58
N LEU C 201 -42.04 10.46 -16.09
CA LEU C 201 -41.78 10.69 -17.51
C LEU C 201 -40.30 10.98 -17.69
N ARG C 202 -39.67 10.27 -18.63
CA ARG C 202 -38.24 10.38 -18.87
C ARG C 202 -38.02 10.95 -20.26
N CYS C 203 -37.37 12.11 -20.33
CA CYS C 203 -37.10 12.81 -21.58
C CYS C 203 -35.69 12.47 -22.05
N TRP C 204 -35.59 11.71 -23.13
CA TRP C 204 -34.30 11.24 -23.63
C TRP C 204 -33.75 12.18 -24.70
N ALA C 205 -32.42 12.31 -24.72
CA ALA C 205 -31.71 13.07 -25.74
C ALA C 205 -30.42 12.33 -26.04
N LEU C 206 -30.34 11.72 -27.21
CA LEU C 206 -29.22 10.85 -27.57
C LEU C 206 -28.58 11.33 -28.87
N SER C 207 -27.31 10.94 -29.03
CA SER C 207 -26.55 11.13 -30.27
C SER C 207 -26.51 12.61 -30.69
N PHE C 208 -25.96 13.44 -29.80
CA PHE C 208 -25.81 14.85 -30.09
C PHE C 208 -24.36 15.28 -29.84
N TYR C 209 -23.93 16.28 -30.60
CA TYR C 209 -22.59 16.85 -30.50
C TYR C 209 -22.69 18.32 -30.86
N PRO C 210 -22.02 19.21 -30.11
CA PRO C 210 -21.18 18.94 -28.94
C PRO C 210 -21.96 18.57 -27.68
N ALA C 211 -21.25 18.42 -26.56
CA ALA C 211 -21.86 17.92 -25.34
C ALA C 211 -22.76 18.95 -24.65
N GLU C 212 -22.62 20.22 -24.97
CA GLU C 212 -23.42 21.26 -24.32
C GLU C 212 -24.89 21.09 -24.71
N ILE C 213 -25.74 20.92 -23.71
CA ILE C 213 -27.17 20.73 -23.93
C ILE C 213 -27.90 21.13 -22.65
N THR C 214 -29.17 21.50 -22.78
CA THR C 214 -29.98 21.89 -21.64
C THR C 214 -31.34 21.23 -21.75
N LEU C 215 -31.77 20.57 -20.67
CA LEU C 215 -33.06 19.89 -20.61
C LEU C 215 -33.91 20.55 -19.54
N THR C 216 -35.09 21.02 -19.93
CA THR C 216 -35.97 21.75 -19.02
C THR C 216 -37.36 21.14 -19.07
N TRP C 217 -37.98 20.99 -17.90
CA TRP C 217 -39.35 20.52 -17.78
C TRP C 217 -40.27 21.71 -17.53
N GLN C 218 -41.47 21.65 -18.12
CA GLN C 218 -42.46 22.70 -17.93
C GLN C 218 -43.83 22.07 -17.71
N ARG C 219 -44.63 22.71 -16.85
CA ARG C 219 -45.99 22.29 -16.58
C ARG C 219 -46.92 23.47 -16.89
N ASP C 220 -47.82 23.28 -17.85
CA ASP C 220 -48.71 24.34 -18.34
C ASP C 220 -47.91 25.54 -18.84
N GLY C 221 -46.70 25.30 -19.32
CA GLY C 221 -45.84 26.36 -19.82
C GLY C 221 -44.98 27.04 -18.78
N GLU C 222 -45.04 26.60 -17.52
CA GLU C 222 -44.24 27.17 -16.45
C GLU C 222 -43.16 26.19 -16.03
N ASP C 223 -41.97 26.71 -15.76
CA ASP C 223 -40.85 25.87 -15.35
C ASP C 223 -41.16 25.14 -14.05
N GLN C 224 -40.81 23.86 -14.00
CA GLN C 224 -41.01 23.04 -12.81
C GLN C 224 -39.69 22.39 -12.44
N THR C 225 -39.08 22.86 -11.36
CA THR C 225 -37.83 22.29 -10.86
C THR C 225 -38.06 21.20 -9.82
N GLN C 226 -39.14 21.29 -9.06
CA GLN C 226 -39.44 20.29 -8.05
C GLN C 226 -39.79 18.96 -8.70
N ASP C 227 -39.42 17.88 -8.01
CA ASP C 227 -39.75 16.51 -8.43
C ASP C 227 -39.15 16.17 -9.79
N THR C 228 -38.01 16.76 -10.12
CA THR C 228 -37.32 16.52 -11.37
C THR C 228 -35.92 15.99 -11.10
N GLU C 229 -35.47 15.07 -11.95
CA GLU C 229 -34.14 14.47 -11.84
C GLU C 229 -33.39 14.70 -13.14
N LEU C 230 -32.17 15.23 -13.03
CA LEU C 230 -31.32 15.51 -14.19
C LEU C 230 -29.97 14.85 -13.96
N VAL C 231 -29.58 13.98 -14.88
CA VAL C 231 -28.31 13.27 -14.81
C VAL C 231 -27.29 14.03 -15.65
N GLU C 232 -26.01 13.87 -15.32
CA GLU C 232 -24.97 14.57 -16.04
C GLU C 232 -24.78 13.96 -17.44
N THR C 233 -24.23 14.76 -18.34
CA THR C 233 -24.07 14.34 -19.72
C THR C 233 -23.09 13.16 -19.80
N ARG C 234 -23.52 12.10 -20.50
CA ARG C 234 -22.76 10.86 -20.66
C ARG C 234 -22.13 10.80 -22.04
N PRO C 235 -20.85 10.43 -22.14
CA PRO C 235 -20.25 10.16 -23.45
C PRO C 235 -20.71 8.80 -23.97
N ALA C 236 -21.28 8.80 -25.16
CA ALA C 236 -21.83 7.55 -25.70
C ALA C 236 -20.73 6.56 -26.05
N GLY C 237 -19.62 7.04 -26.61
CA GLY C 237 -18.49 6.22 -26.98
C GLY C 237 -18.10 6.33 -28.44
N ASP C 238 -19.05 6.70 -29.30
CA ASP C 238 -18.79 6.89 -30.72
C ASP C 238 -18.60 8.36 -31.09
N GLY C 239 -18.13 9.17 -30.14
CA GLY C 239 -17.90 10.58 -30.37
C GLY C 239 -19.09 11.48 -30.14
N THR C 240 -20.18 10.96 -29.56
CA THR C 240 -21.36 11.75 -29.26
C THR C 240 -21.71 11.56 -27.79
N PHE C 241 -22.77 12.24 -27.35
CA PHE C 241 -23.11 12.32 -25.94
C PHE C 241 -24.58 11.99 -25.72
N GLN C 242 -24.90 11.68 -24.46
CA GLN C 242 -26.25 11.32 -24.05
C GLN C 242 -26.60 12.05 -22.76
N LYS C 243 -27.88 12.37 -22.60
CA LYS C 243 -28.38 13.02 -21.39
C LYS C 243 -29.90 12.89 -21.36
N TRP C 244 -30.45 12.71 -20.17
CA TRP C 244 -31.89 12.61 -20.00
C TRP C 244 -32.30 13.30 -18.70
N ALA C 245 -33.51 13.85 -18.71
CA ALA C 245 -34.11 14.46 -17.54
C ALA C 245 -35.48 13.85 -17.30
N ALA C 246 -35.81 13.60 -16.03
CA ALA C 246 -37.04 12.93 -15.67
C ALA C 246 -37.86 13.78 -14.71
N VAL C 247 -39.13 13.43 -14.59
CA VAL C 247 -40.05 14.10 -13.67
C VAL C 247 -41.17 13.12 -13.31
N VAL C 248 -41.55 13.11 -12.05
CA VAL C 248 -42.62 12.25 -11.56
C VAL C 248 -43.94 13.01 -11.64
N VAL C 249 -44.94 12.38 -12.25
CA VAL C 249 -46.18 13.06 -12.59
C VAL C 249 -47.38 12.28 -12.04
N PRO C 250 -48.36 12.96 -11.45
CA PRO C 250 -49.58 12.26 -11.04
C PRO C 250 -50.28 11.63 -12.24
N SER C 251 -50.79 10.41 -12.03
CA SER C 251 -51.37 9.64 -13.12
C SER C 251 -52.58 10.35 -13.71
N GLY C 252 -52.57 10.52 -15.04
CA GLY C 252 -53.67 11.09 -15.78
C GLY C 252 -53.36 12.44 -16.41
N GLN C 253 -52.51 13.24 -15.77
CA GLN C 253 -52.22 14.60 -16.22
C GLN C 253 -50.82 14.71 -16.82
N GLU C 254 -50.38 13.69 -17.54
CA GLU C 254 -49.08 13.74 -18.20
C GLU C 254 -49.09 14.68 -19.41
N GLN C 255 -50.28 15.04 -19.91
CA GLN C 255 -50.35 15.96 -21.04
C GLN C 255 -49.93 17.38 -20.66
N ARG C 256 -49.96 17.71 -19.38
CA ARG C 256 -49.61 19.06 -18.94
C ARG C 256 -48.11 19.29 -18.86
N TYR C 257 -47.31 18.22 -18.87
CA TYR C 257 -45.87 18.31 -18.70
C TYR C 257 -45.19 18.25 -20.06
N THR C 258 -44.25 19.17 -20.30
CA THR C 258 -43.54 19.26 -21.57
C THR C 258 -42.04 19.33 -21.31
N CYS C 259 -41.28 18.59 -22.12
CA CYS C 259 -39.83 18.62 -22.08
C CYS C 259 -39.30 19.56 -23.15
N HIS C 260 -38.20 20.24 -22.83
CA HIS C 260 -37.59 21.21 -23.74
C HIS C 260 -36.10 20.96 -23.84
N VAL C 261 -35.62 20.78 -25.08
CA VAL C 261 -34.24 20.45 -25.36
C VAL C 261 -33.59 21.61 -26.10
N GLN C 262 -32.58 22.22 -25.49
CA GLN C 262 -31.84 23.32 -26.08
C GLN C 262 -30.45 22.82 -26.46
N HIS C 263 -30.12 22.90 -27.75
CA HIS C 263 -28.84 22.43 -28.25
C HIS C 263 -28.36 23.35 -29.37
N GLU C 264 -27.08 23.22 -29.69
CA GLU C 264 -26.48 24.05 -30.74
C GLU C 264 -27.09 23.77 -32.11
N GLY C 265 -27.45 22.52 -32.37
CA GLY C 265 -28.06 22.13 -33.63
C GLY C 265 -29.53 22.39 -33.74
N LEU C 266 -30.11 23.14 -32.80
CA LEU C 266 -31.53 23.45 -32.81
C LEU C 266 -31.72 24.96 -32.70
N PRO C 267 -32.05 25.64 -33.81
CA PRO C 267 -32.30 27.08 -33.73
C PRO C 267 -33.41 27.43 -32.74
N LYS C 268 -34.51 26.69 -32.78
CA LYS C 268 -35.55 26.75 -31.76
C LYS C 268 -35.60 25.45 -31.00
N PRO C 269 -35.72 25.50 -29.66
CA PRO C 269 -35.65 24.27 -28.87
C PRO C 269 -36.82 23.34 -29.17
N LEU C 270 -36.54 22.04 -29.06
CA LEU C 270 -37.55 21.02 -29.31
C LEU C 270 -38.45 20.84 -28.09
N THR C 271 -39.70 20.48 -28.35
CA THR C 271 -40.67 20.19 -27.31
C THR C 271 -41.06 18.72 -27.38
N LEU C 272 -40.92 18.01 -26.26
CA LEU C 272 -41.22 16.60 -26.18
C LEU C 272 -42.40 16.37 -25.25
N ARG C 273 -43.33 15.53 -25.69
CA ARG C 273 -44.51 15.16 -24.92
C ARG C 273 -44.61 13.66 -24.86
N TRP C 274 -45.58 13.17 -24.07
CA TRP C 274 -45.84 11.73 -24.03
C TRP C 274 -46.93 11.31 -25.00
N GLU C 275 -47.94 12.14 -25.20
CA GLU C 275 -49.02 11.84 -26.14
C GLU C 275 -49.67 13.12 -26.66
N MET D 1 -5.14 16.41 1.19
CA MET D 1 -5.56 15.80 -0.07
C MET D 1 -7.08 15.80 -0.20
N ILE D 2 -7.57 15.89 -1.43
CA ILE D 2 -8.99 15.89 -1.72
C ILE D 2 -9.36 14.51 -2.26
N GLN D 3 -10.26 13.82 -1.57
CA GLN D 3 -10.73 12.51 -1.99
C GLN D 3 -12.22 12.60 -2.30
N ARG D 4 -12.58 12.31 -3.54
CA ARG D 4 -13.97 12.35 -3.99
C ARG D 4 -14.38 10.97 -4.47
N THR D 5 -15.66 10.65 -4.27
CA THR D 5 -16.15 9.34 -4.68
C THR D 5 -16.62 9.37 -6.12
N PRO D 6 -16.40 8.29 -6.89
CA PRO D 6 -16.78 8.30 -8.30
C PRO D 6 -18.29 8.17 -8.47
N LYS D 7 -18.80 8.86 -9.49
CA LYS D 7 -20.21 8.77 -9.89
C LYS D 7 -20.31 7.75 -11.01
N ILE D 8 -20.98 6.64 -10.73
CA ILE D 8 -21.06 5.51 -11.66
C ILE D 8 -22.33 5.63 -12.49
N GLN D 9 -22.20 5.37 -13.79
CA GLN D 9 -23.34 5.35 -14.70
C GLN D 9 -23.17 4.18 -15.66
N VAL D 10 -24.15 3.30 -15.71
CA VAL D 10 -24.15 2.13 -16.59
C VAL D 10 -25.22 2.34 -17.64
N TYR D 11 -24.83 2.22 -18.92
CA TYR D 11 -25.75 2.46 -20.02
C TYR D 11 -25.18 1.85 -21.28
N SER D 12 -25.99 1.86 -22.34
CA SER D 12 -25.59 1.35 -23.64
C SER D 12 -25.33 2.51 -24.60
N ARG D 13 -24.46 2.26 -25.58
CA ARG D 13 -24.13 3.30 -26.54
C ARG D 13 -25.33 3.66 -27.41
N HIS D 14 -26.07 2.66 -27.86
CA HIS D 14 -27.28 2.83 -28.65
C HIS D 14 -28.47 2.26 -27.89
N PRO D 15 -29.70 2.63 -28.26
CA PRO D 15 -30.88 2.00 -27.65
C PRO D 15 -30.83 0.48 -27.72
N ALA D 16 -30.90 -0.17 -26.56
CA ALA D 16 -30.69 -1.61 -26.48
C ALA D 16 -31.93 -2.36 -26.97
N GLU D 17 -31.72 -3.26 -27.94
CA GLU D 17 -32.74 -4.18 -28.39
C GLU D 17 -32.16 -5.59 -28.40
N ASN D 18 -33.02 -6.56 -28.14
CA ASN D 18 -32.57 -7.95 -27.97
C ASN D 18 -32.17 -8.54 -29.31
N GLY D 19 -30.95 -9.09 -29.37
CA GLY D 19 -30.45 -9.75 -30.55
C GLY D 19 -29.52 -8.91 -31.41
N LYS D 20 -29.46 -7.60 -31.17
CA LYS D 20 -28.61 -6.70 -31.94
C LYS D 20 -27.37 -6.34 -31.16
N SER D 21 -26.23 -6.31 -31.85
CA SER D 21 -24.96 -5.96 -31.21
C SER D 21 -24.99 -4.51 -30.73
N ASN D 22 -24.35 -4.27 -29.59
CA ASN D 22 -24.32 -2.95 -28.98
C ASN D 22 -23.06 -2.84 -28.13
N PHE D 23 -22.95 -1.76 -27.36
CA PHE D 23 -21.81 -1.52 -26.50
C PHE D 23 -22.29 -1.19 -25.09
N LEU D 24 -21.66 -1.80 -24.09
CA LEU D 24 -21.98 -1.56 -22.70
C LEU D 24 -20.99 -0.54 -22.14
N ASN D 25 -21.50 0.55 -21.58
CA ASN D 25 -20.67 1.64 -21.09
C ASN D 25 -20.79 1.77 -19.59
N CYS D 26 -19.67 2.07 -18.93
CA CYS D 26 -19.64 2.42 -17.51
C CYS D 26 -18.81 3.69 -17.37
N TYR D 27 -19.48 4.80 -17.12
CA TYR D 27 -18.84 6.12 -17.09
C TYR D 27 -18.69 6.56 -15.64
N VAL D 28 -17.46 6.49 -15.13
CA VAL D 28 -17.13 6.99 -13.80
C VAL D 28 -16.63 8.42 -13.93
N SER D 29 -16.97 9.26 -12.96
CA SER D 29 -16.61 10.66 -13.04
C SER D 29 -16.64 11.27 -11.64
N GLY D 30 -15.98 12.41 -11.50
CA GLY D 30 -15.99 13.14 -10.25
C GLY D 30 -15.29 12.46 -9.09
N PHE D 31 -14.17 11.79 -9.35
CA PHE D 31 -13.44 11.07 -8.31
C PHE D 31 -12.00 11.58 -8.22
N HIS D 32 -11.38 11.26 -7.09
CA HIS D 32 -9.99 11.62 -6.82
C HIS D 32 -9.52 10.77 -5.65
N PRO D 33 -8.30 10.20 -5.70
CA PRO D 33 -7.31 10.33 -6.78
C PRO D 33 -7.61 9.49 -8.02
N SER D 34 -6.60 9.33 -8.88
CA SER D 34 -6.81 8.73 -10.19
C SER D 34 -6.97 7.22 -10.13
N ASP D 35 -6.31 6.55 -9.19
CA ASP D 35 -6.35 5.09 -9.14
C ASP D 35 -7.77 4.60 -8.86
N ILE D 36 -8.29 3.78 -9.77
CA ILE D 36 -9.65 3.27 -9.66
C ILE D 36 -9.76 1.99 -10.46
N GLU D 37 -10.42 0.99 -9.89
CA GLU D 37 -10.65 -0.29 -10.54
C GLU D 37 -12.10 -0.36 -11.01
N VAL D 38 -12.30 -0.66 -12.29
CA VAL D 38 -13.63 -0.75 -12.89
C VAL D 38 -13.71 -2.06 -13.67
N ASP D 39 -14.77 -2.82 -13.41
CA ASP D 39 -15.00 -4.10 -14.08
C ASP D 39 -16.44 -4.16 -14.56
N LEU D 40 -16.62 -4.67 -15.79
CA LEU D 40 -17.94 -4.90 -16.35
C LEU D 40 -18.31 -6.36 -16.19
N LEU D 41 -19.51 -6.62 -15.66
CA LEU D 41 -19.93 -7.96 -15.30
C LEU D 41 -21.06 -8.44 -16.20
N LYS D 42 -21.08 -9.75 -16.45
CA LYS D 42 -22.16 -10.40 -17.19
C LYS D 42 -22.69 -11.53 -16.32
N ASN D 43 -23.90 -11.33 -15.76
CA ASN D 43 -24.52 -12.29 -14.86
C ASN D 43 -23.64 -12.59 -13.65
N GLY D 44 -22.87 -11.59 -13.20
CA GLY D 44 -21.99 -11.74 -12.06
C GLY D 44 -20.57 -12.14 -12.37
N GLU D 45 -20.26 -12.47 -13.63
CA GLU D 45 -18.92 -12.87 -14.03
C GLU D 45 -18.22 -11.73 -14.75
N ARG D 46 -16.93 -11.57 -14.45
CA ARG D 46 -16.14 -10.50 -15.04
C ARG D 46 -15.94 -10.75 -16.54
N ILE D 47 -16.14 -9.70 -17.34
CA ILE D 47 -15.94 -9.78 -18.79
C ILE D 47 -14.50 -9.36 -19.10
N GLU D 48 -13.81 -10.20 -19.87
CA GLU D 48 -12.46 -9.87 -20.29
C GLU D 48 -12.48 -8.96 -21.52
N LYS D 49 -11.34 -8.35 -21.80
CA LYS D 49 -11.15 -7.44 -22.93
C LYS D 49 -12.15 -6.28 -22.87
N VAL D 50 -12.00 -5.47 -21.82
CA VAL D 50 -12.80 -4.27 -21.63
C VAL D 50 -11.87 -3.08 -21.74
N GLU D 51 -12.07 -2.27 -22.77
CA GLU D 51 -11.24 -1.10 -23.03
C GLU D 51 -11.79 0.12 -22.31
N HIS D 52 -10.89 1.01 -21.91
CA HIS D 52 -11.26 2.23 -21.22
C HIS D 52 -10.65 3.43 -21.94
N SER D 53 -11.29 4.59 -21.76
CA SER D 53 -10.82 5.81 -22.38
C SER D 53 -9.53 6.29 -21.71
N ASP D 54 -8.96 7.35 -22.28
CA ASP D 54 -7.74 7.94 -21.73
C ASP D 54 -8.09 8.87 -20.58
N LEU D 55 -7.23 8.88 -19.56
CA LEU D 55 -7.51 9.60 -18.32
C LEU D 55 -7.58 11.11 -18.57
N SER D 56 -8.69 11.71 -18.17
CA SER D 56 -8.88 13.16 -18.25
C SER D 56 -9.67 13.61 -17.03
N PHE D 57 -9.55 14.90 -16.71
CA PHE D 57 -10.19 15.47 -15.55
C PHE D 57 -11.03 16.67 -15.94
N SER D 58 -11.91 17.08 -15.03
CA SER D 58 -12.85 18.16 -15.25
C SER D 58 -12.29 19.47 -14.69
N LYS D 59 -13.15 20.49 -14.63
CA LYS D 59 -12.71 21.80 -14.16
C LYS D 59 -12.30 21.76 -12.70
N ASP D 60 -12.98 20.93 -11.90
CA ASP D 60 -12.67 20.78 -10.49
C ASP D 60 -11.58 19.74 -10.24
N TRP D 61 -10.76 19.43 -11.25
CA TRP D 61 -9.63 18.51 -11.16
C TRP D 61 -10.07 17.08 -10.86
N SER D 62 -11.35 16.77 -11.02
CA SER D 62 -11.85 15.42 -10.79
C SER D 62 -11.83 14.63 -12.08
N PHE D 63 -11.35 13.40 -12.02
CA PHE D 63 -11.15 12.60 -13.21
C PHE D 63 -12.45 11.95 -13.68
N TYR D 64 -12.47 11.56 -14.95
CA TYR D 64 -13.59 10.83 -15.52
C TYR D 64 -13.05 9.81 -16.52
N LEU D 65 -13.66 8.62 -16.53
CA LEU D 65 -13.25 7.53 -17.40
C LEU D 65 -14.47 6.87 -17.99
N LEU D 66 -14.27 6.23 -19.14
CA LEU D 66 -15.34 5.51 -19.84
C LEU D 66 -14.86 4.09 -20.12
N TYR D 67 -15.43 3.11 -19.43
CA TYR D 67 -15.14 1.71 -19.65
C TYR D 67 -16.23 1.11 -20.54
N TYR D 68 -15.83 0.49 -21.64
CA TYR D 68 -16.77 0.02 -22.64
C TYR D 68 -16.35 -1.33 -23.19
N THR D 69 -17.32 -2.08 -23.68
CA THR D 69 -17.09 -3.35 -24.35
C THR D 69 -18.28 -3.64 -25.25
N GLU D 70 -18.04 -4.44 -26.29
CA GLU D 70 -19.09 -4.82 -27.22
C GLU D 70 -19.83 -6.04 -26.69
N PHE D 71 -21.16 -6.02 -26.81
CA PHE D 71 -21.99 -7.10 -26.28
C PHE D 71 -23.32 -7.09 -27.03
N THR D 72 -24.11 -8.14 -26.76
CA THR D 72 -25.45 -8.27 -27.35
C THR D 72 -26.40 -8.59 -26.21
N PRO D 73 -27.37 -7.73 -25.91
CA PRO D 73 -28.26 -7.97 -24.77
C PRO D 73 -29.43 -8.87 -25.13
N THR D 74 -29.85 -9.66 -24.15
CA THR D 74 -31.03 -10.50 -24.26
C THR D 74 -32.04 -10.08 -23.18
N GLU D 75 -33.11 -10.86 -23.05
CA GLU D 75 -34.17 -10.50 -22.11
C GLU D 75 -33.73 -10.72 -20.66
N LYS D 76 -32.99 -11.79 -20.39
CA LYS D 76 -32.64 -12.17 -19.03
C LYS D 76 -31.12 -12.28 -18.85
N ASP D 77 -30.38 -11.34 -19.44
CA ASP D 77 -28.94 -11.24 -19.23
C ASP D 77 -28.67 -9.99 -18.38
N GLU D 78 -28.30 -10.21 -17.13
CA GLU D 78 -28.06 -9.11 -16.20
C GLU D 78 -26.63 -8.61 -16.35
N TYR D 79 -26.48 -7.35 -16.70
CA TYR D 79 -25.18 -6.69 -16.81
C TYR D 79 -25.07 -5.62 -15.72
N ALA D 80 -23.84 -5.41 -15.25
CA ALA D 80 -23.60 -4.45 -14.19
C ALA D 80 -22.17 -3.93 -14.31
N CYS D 81 -21.82 -2.99 -13.44
CA CYS D 81 -20.49 -2.41 -13.39
C CYS D 81 -20.03 -2.37 -11.93
N ARG D 82 -18.84 -2.90 -11.67
CA ARG D 82 -18.28 -2.95 -10.33
C ARG D 82 -17.10 -2.00 -10.26
N VAL D 83 -17.21 -0.99 -9.40
CA VAL D 83 -16.20 0.06 -9.28
C VAL D 83 -15.59 -0.01 -7.89
N ASN D 84 -14.26 0.10 -7.83
CA ASN D 84 -13.52 0.05 -6.58
C ASN D 84 -12.63 1.29 -6.49
N HIS D 85 -12.71 1.98 -5.36
CA HIS D 85 -11.94 3.20 -5.13
C HIS D 85 -11.53 3.27 -3.67
N VAL D 86 -10.59 4.17 -3.37
CA VAL D 86 -10.16 4.35 -1.99
C VAL D 86 -11.24 4.98 -1.14
N THR D 87 -12.23 5.63 -1.75
CA THR D 87 -13.34 6.20 -1.00
C THR D 87 -14.36 5.15 -0.59
N LEU D 88 -14.47 4.06 -1.35
CA LEU D 88 -15.44 3.01 -1.08
C LEU D 88 -14.83 1.97 -0.15
N SER D 89 -15.56 1.62 0.91
CA SER D 89 -15.09 0.57 1.81
C SER D 89 -15.13 -0.80 1.13
N GLN D 90 -16.11 -1.03 0.27
CA GLN D 90 -16.22 -2.24 -0.51
C GLN D 90 -16.65 -1.87 -1.93
N PRO D 91 -16.36 -2.72 -2.91
CA PRO D 91 -16.76 -2.41 -4.29
C PRO D 91 -18.26 -2.24 -4.41
N LYS D 92 -18.67 -1.18 -5.11
CA LYS D 92 -20.08 -0.89 -5.33
C LYS D 92 -20.48 -1.33 -6.72
N ILE D 93 -21.57 -2.10 -6.81
CA ILE D 93 -22.06 -2.65 -8.07
C ILE D 93 -23.32 -1.90 -8.45
N VAL D 94 -23.36 -1.42 -9.70
CA VAL D 94 -24.51 -0.71 -10.24
C VAL D 94 -25.02 -1.50 -11.44
N LYS D 95 -26.24 -2.02 -11.32
CA LYS D 95 -26.81 -2.82 -12.39
C LYS D 95 -27.17 -1.94 -13.59
N TRP D 96 -27.29 -2.58 -14.74
CA TRP D 96 -27.66 -1.89 -15.98
C TRP D 96 -29.17 -1.97 -16.17
N ASP D 97 -29.79 -0.82 -16.36
CA ASP D 97 -31.22 -0.72 -16.60
C ASP D 97 -31.46 -0.26 -18.03
N ARG D 98 -32.28 -1.02 -18.77
CA ARG D 98 -32.56 -0.71 -20.16
C ARG D 98 -33.28 0.63 -20.34
N ASP D 99 -33.79 1.21 -19.26
CA ASP D 99 -34.52 2.48 -19.31
C ASP D 99 -33.76 3.61 -18.61
N MET D 100 -32.48 3.41 -18.33
CA MET D 100 -31.67 4.43 -17.67
C MET D 100 -30.28 4.51 -18.30
N ILE E 1 -1.06 21.34 -31.58
CA ILE E 1 0.33 21.40 -31.16
C ILE E 1 0.41 21.64 -29.66
N LEU E 2 1.48 21.15 -29.04
CA LEU E 2 1.72 21.34 -27.62
C LEU E 2 2.55 22.60 -27.39
N ASP E 3 2.52 23.07 -26.14
CA ASP E 3 3.35 24.19 -25.73
C ASP E 3 4.76 23.69 -25.42
N GLN E 4 5.66 24.64 -25.14
CA GLN E 4 7.01 24.30 -24.75
C GLN E 4 7.01 23.48 -23.46
N VAL E 5 8.15 22.83 -23.20
CA VAL E 5 8.32 22.08 -21.96
C VAL E 5 8.17 23.06 -20.80
N PRO E 6 7.24 22.82 -19.88
CA PRO E 6 6.94 23.83 -18.86
C PRO E 6 8.01 23.91 -17.79
N PHE E 7 8.00 25.02 -17.07
CA PHE E 7 8.91 25.23 -15.96
C PHE E 7 8.49 24.37 -14.77
N SER E 8 9.48 23.96 -13.98
CA SER E 8 9.21 23.16 -12.80
C SER E 8 8.87 24.05 -11.62
N VAL E 9 8.09 23.51 -10.69
CA VAL E 9 7.69 24.23 -9.49
C VAL E 9 8.89 24.47 -8.59
C1 GOL F . 1.52 27.69 -38.45
O1 GOL F . 2.12 26.59 -39.06
C2 GOL F . 0.22 28.04 -39.17
O2 GOL F . -0.17 29.35 -38.85
C3 GOL F . -0.88 27.07 -38.73
O3 GOL F . -0.51 25.77 -39.09
#